data_7BHO
#
_entry.id   7BHO
#
loop_
_entity.id
_entity.type
_entity.pdbx_description
1 polymer DNA
2 polymer DNA
3 polymer DNA
4 polymer DNA
5 polymer DNA
6 polymer DNA
7 polymer DNA
8 polymer DNA
9 polymer DNA
10 polymer DNA
11 polymer 'DNA scaffold'
12 polymer DNA
13 polymer DNA
14 polymer DNA
15 polymer DNA
16 polymer DNA
17 polymer DNA
18 polymer DNA
19 polymer DNA
20 polymer DNA
21 polymer DNA
22 polymer DNA
23 polymer DNA
24 polymer DNA
25 polymer DNA
26 polymer DNA
27 polymer DNA
28 polymer DNA
29 polymer DNA
30 polymer DNA
31 polymer DNA
32 polymer DNA
33 polymer DNA
34 polymer DNA
35 polymer DNA
36 polymer DNA
37 polymer DNA
38 polymer DNA
39 polymer DNA
40 polymer DNA
41 polymer DNA
42 polymer DNA
43 polymer DNA
44 polymer DNA
45 polymer DNA
46 polymer DNA
47 polymer DNA
48 polymer DNA
49 polymer DNA
50 polymer DNA
51 polymer DNA
52 polymer DNA
53 polymer DNA
54 polymer DNA
55 polymer DNA
56 polymer DNA
57 polymer DNA
58 polymer DNA
59 polymer DNA
60 polymer DNA
61 polymer DNA
62 polymer DNA
63 polymer DNA
64 polymer DNA
65 polymer DNA
66 polymer DNA
67 polymer DNA
68 polymer DNA
69 polymer DNA
70 polymer DNA
71 polymer DNA
72 polymer DNA
73 polymer DNA
74 polymer DNA
75 polymer DNA
76 polymer DNA
77 polymer DNA
78 polymer DNA
79 polymer DNA
80 polymer DNA
81 polymer DNA
82 polymer DNA
83 polymer DNA
84 polymer DNA
85 polymer DNA
86 polymer DNA
87 polymer DNA
88 polymer DNA
89 polymer DNA
90 polymer DNA
91 polymer DNA
92 polymer DNA
93 polymer DNA
94 polymer DNA
95 polymer DNA
96 polymer DNA
97 polymer DNA
98 polymer DNA
99 polymer DNA
100 polymer DNA
101 polymer DNA
102 polymer DNA
103 polymer DNA
104 polymer DNA
105 polymer DNA
106 polymer DNA
107 polymer DNA
108 polymer DNA
109 polymer DNA
110 polymer DNA
111 polymer DNA
112 polymer DNA
113 polymer DNA
114 polymer DNA
115 polymer DNA
116 polymer DNA
117 polymer DNA
118 polymer DNA
119 polymer DNA
120 polymer DNA
121 polymer DNA
122 polymer DNA
123 polymer DNA
124 polymer DNA
125 polymer DNA
126 polymer DNA
127 polymer DNA
128 polymer DNA
129 polymer DNA
130 polymer DNA
131 polymer DNA
132 polymer DNA
133 polymer DNA
134 polymer DNA
135 polymer DNA
136 polymer DNA
137 polymer DNA
138 polymer DNA
139 polymer DNA
140 polymer DNA
141 polymer DNA
142 polymer DNA
143 polymer DNA
144 polymer DNA
145 polymer DNA
146 polymer DNA
147 polymer DNA
148 polymer DNA
149 polymer DNA
150 polymer DNA
151 polymer DNA
152 polymer DNA
153 polymer DNA
154 polymer DNA
155 polymer DNA
156 polymer DNA
157 polymer DNA
158 polymer DNA
159 polymer DNA
160 polymer DNA
161 polymer DNA
162 polymer DNA
163 polymer DNA
164 polymer DNA
165 polymer DNA
166 polymer DNA
167 polymer DNA
168 polymer DNA
169 polymer DNA
170 polymer DNA
171 polymer DNA
172 polymer DNA
173 polymer DNA
174 polymer DNA
175 polymer DNA
176 polymer DNA
177 polymer DNA
178 polymer DNA
179 polymer DNA
180 polymer DNA
181 polymer DNA
182 polymer DNA
183 polymer DNA
184 polymer DNA
185 polymer DNA
186 polymer DNA
187 polymer DNA
188 polymer DNA
189 polymer DNA
190 polymer DNA
191 polymer DNA
192 polymer DNA
193 polymer DNA
194 polymer DNA
195 polymer DNA
196 polymer DNA
197 polymer DNA
198 polymer DNA
199 polymer DNA
200 polymer DNA
201 polymer DNA
202 polymer DNA
203 polymer DNA
204 polymer DNA
205 polymer DNA
206 polymer DNA
207 polymer DNA
208 polymer DNA
209 polymer DNA
210 polymer DNA
211 polymer DNA
212 polymer DNA
213 polymer DNA
214 polymer DNA
215 polymer DNA
216 polymer DNA
217 polymer DNA
218 polymer DNA
219 polymer DNA
220 polymer DNA
221 polymer DNA
222 polymer DNA
223 polymer DNA
224 polymer DNA
225 polymer DNA
226 polymer DNA
227 polymer DNA
228 polymer DNA
229 polymer DNA
230 polymer DNA
231 polymer DNA
232 polymer DNA
233 polymer DNA
234 polymer DNA
235 polymer DNA
236 polymer DNA
237 polymer DNA
238 polymer DNA
#
loop_
_entity_poly.entity_id
_entity_poly.type
_entity_poly.pdbx_seq_one_letter_code
_entity_poly.pdbx_strand_id
1 'polydeoxyribonucleotide'
;(DT)(DA)(DA)(DG)(DT)(DA)(DC)(DA)(DA)(DC)(DC)(DA)(DC)(DA)(DG)(DC)(DA)(DT)(DT)(DC)
(DC)(DA)(DG)(DA)(DA)(DC)(DA)(DC)(DG)(DT)(DC)(DA)(DA)(DC)(DA)(DA)(DA)(DT)(DA)(DA)
(DG)(DG)(DA)(DA)(DC)(DA)(DA)(DA)(DA)(DC)(DT)(DC)(DG)(DT)(DA)(DT)(DT)
;
A1
2 'polydeoxyribonucleotide'
;(DA)(DA)(DG)(DC)(DC)(DA)(DG)(DA)(DA)(DT)(DG)(DC)(DC)(DC)(DT)(DT)(DT)(DT)(DA)(DA)
(DC)(DT)(DG)(DA)(DG)(DG)(DT)(DT)(DT)(DA)(DA)
;
A2
3 'polydeoxyribonucleotide'
;(DT)(DC)(DA)(DT)(DA)(DA)(DC)(DC)(DC)(DG)(DT)(DC)(DG)(DG)(DA)(DT)(DG)(DT)(DA)(DG)
(DA)(DT)(DG)
;
A3
4 'polydeoxyribonucleotide'
;(DC)(DA)(DG)(DA)(DG)(DG)(DC)(DC)(DC)(DA)(DT)(DC)(DA)(DA)(DT)(DA)(DT)(DG)(DA)(DG)
(DT)(DT)(DT)(DT)(DT)(DA)(DT)(DA)
;
A4
5 'polydeoxyribonucleotide'
;(DT)(DT)(DG)(DT)(DA)(DT)(DC)(DG)(DG)(DA)(DT)(DT)(DT)(DT)(DC)(DA)(DT)(DA)(DG)(DT)
(DT)(DA)(DG)(DC)(DG)(DT)(DA)(DA)(DA)(DC)(DC)(DC)(DT)(DC)(DA)(DT)(DA)(DG)(DG)(DT)
(DG)(DT)
;
A5
6 'polydeoxyribonucleotide'
;(DG)(DG)(DA)(DA)(DG)(DC)(DA)(DA)(DA)(DC)(DT)(DC)(DC)(DA)(DT)(DT)(DG)(DA)(DG)(DT)
(DT)(DA)(DA)(DG)(DC)(DC)
;
A6
7 'polydeoxyribonucleotide'
;(DT)(DC)(DA)(DG)(DA)(DT)(DG)(DA)(DT)(DG)(DG)(DC)(DA)(DA)(DT)(DT)(DA)(DT)(DC)(DA)
(DT)(DA)(DT)(DT)(DT)(DA)(DC)(DA)(DA)(DA)(DG)(DT)(DC)(DT)(DT)(DT)(DC)
;
A7
8 'polydeoxyribonucleotide'
;(DG)(DA)(DG)(DT)(DA)(DG)(DA)(DT)(DT)(DT)(DA)(DG)(DA)(DT)(DA)(DA)(DC)(DC)(DT)(DG)
(DT)(DT)(DT)(DA)
;
A8
9 'polydeoxyribonucleotide' (DT)(DT)(DT)(DT)(DT)(DG)(DA)(DG)(DA)(DG)(DA)(DT)(DA)(DT)(DT)(DT)(DA)(DG)(DG) A9
10 'polydeoxyribonucleotide'
;(DC)(DA)(DT)(DC)(DA)(DC)(DG)(DC)(DA)(DA)(DA)(DT)(DG)(DC)(DC)(DG)(DG)(DA)(DG)(DA)
(DA)(DG)(DG)
;
AA
11 'polydeoxyribonucleotide'
;(DA)(DT)(DA)(DT)(DA)(DT)(DC)(DG)(DG)(DT)(DT)(DA)(DT)(DG)(DC)(DG)(DT)(DG)(DG)(DG)
(DC)(DG)(DA)(DT)(DG)(DG)(DT)(DT)(DG)(DT)(DT)(DG)(DT)(DC)(DA)(DT)(DT)(DG)(DT)(DC)
(DG)(DG)(DC)(DG)(DC)(DA)(DA)(DC)(DT)(DA)(DT)(DC)(DG)(DG)(DT)(DA)(DT)(DC)(DA)(DA)
(DG)(DC)(DT)(DG)(DT)(DT)(DT)(DA)(DA)(DG)(DA)(DA)(DA)(DT)(DT)(DC)(DA)(DC)(DC)(DT)
(DC)(DG)(DA)(DA)(DA)(DG)(DC)(DA)(DA)(DG)(DC)(DT)(DG)(DA)(DT)(DA)(DA)(DA)(DC)(DC)
(DG)(DA)(DT)(DA)(DC)(DA)(DA)(DT)(DT)(DA)(DA)(DA)(DG)(DG)(DC)(DT)(DC)(DC)(DT)(DT)
(DT)(DT)(DG)(DG)(DA)(DG)(DC)(DC)(DT)(DT)(DT)(DT)(DT)(DT)(DT)(DT)(DG)(DG)(DA)(DG)
(DA)(DT)(DT)(DT)(DT)(DC)(DA)(DA)(DC)(DG)(DT)(DG)(DA)(DA)(DA)(DA)(DA)(DA)(DT)(DT)
(DA)(DT)(DT)(DA)(DT)(DT)(DC)(DG)(DC)(DA)(DA)(DT)(DT)(DC)(DC)(DT)(DT)(DT)(DA)(DG)
(DT)(DT)(DG)(DT)(DT)(DC)(DC)(DT)(DT)(DT)(DC)(DT)(DA)(DT)(DT)(DC)(DT)(DC)(DA)(DC)
(DT)(DC)(DC)(DG)(DC)(DT)(DG)(DA)(DA)(DA)(DC)(DT)(DG)(DT)(DT)(DG)(DA)(DA)(DA)(DG)
(DT)(DT)(DG)(DT)(DT)(DT)(DA)(DG)(DC)(DA)(DA)(DA)(DA)(DT)(DC)(DC)(DC)(DA)(DT)(DA)
(DC)(DA)(DG)(DA)(DA)(DA)(DA)(DT)(DT)(DC)(DA)(DT)(DT)(DT)(DA)(DC)(DT)(DA)(DA)(DC)
(DG)(DT)(DC)(DT)(DG)(DG)(DA)(DA)(DA)(DG)(DA)(DC)(DG)(DA)(DC)(DA)(DA)(DA)(DA)(DC)
(DT)(DT)(DT)(DA)(DG)(DA)(DT)(DC)(DG)(DT)(DT)(DA)(DC)(DG)(DC)(DT)(DA)(DA)(DC)(DT)
(DA)(DT)(DG)(DA)(DG)(DG)(DG)(DC)(DT)(DG)(DT)(DC)(DT)(DG)(DT)(DG)(DG)(DA)(DA)(DT)
(DG)(DC)(DT)(DA)(DC)(DA)(DG)(DG)(DC)(DG)(DT)(DT)(DG)(DT)(DA)(DG)(DT)(DT)(DT)(DG)
(DT)(DA)(DC)(DT)(DG)(DG)(DT)(DG)(DA)(DC)(DG)(DA)(DA)(DA)(DC)(DT)(DC)(DA)(DG)(DT)
(DG)(DT)(DT)(DA)(DC)(DG)(DG)(DT)(DA)(DC)(DA)(DT)(DG)(DG)(DG)(DT)(DT)(DC)(DC)(DT)
(DA)(DT)(DT)(DG)(DG)(DG)(DC)(DT)(DT)(DG)(DC)(DT)(DA)(DT)(DC)(DC)(DC)(DT)(DG)(DA)
(DA)(DA)(DA)(DT)(DG)(DA)(DG)(DG)(DG)(DT)(DG)(DG)(DT)(DG)(DG)(DC)(DT)(DC)(DT)(DG)
(DA)(DG)(DG)(DG)(DT)(DG)(DG)(DC)(DG)(DG)(DT)(DT)(DC)(DT)(DG)(DA)(DG)(DG)(DG)(DT)
(DG)(DG)(DC)(DG)(DG)(DT)(DT)(DC)(DT)(DG)(DA)(DG)(DG)(DG)(DT)(DG)(DG)(DC)(DG)(DG)
(DT)(DA)(DC)(DT)(DA)(DA)(DA)(DC)(DC)(DT)(DC)(DC)(DT)(DG)(DA)(DG)(DT)(DA)(DC)(DG)
(DG)(DT)(DG)(DA)(DT)(DA)(DC)(DA)(DC)(DC)(DT)(DA)(DT)(DT)(DC)(DC)(DG)(DG)(DG)(DC)
(DT)(DA)(DT)(DA)(DC)(DT)(DT)(DA)(DT)(DA)(DT)(DC)(DA)(DA)(DC)(DC)(DC)(DT)(DC)(DT)
(DC)(DG)(DA)(DC)(DG)(DG)(DC)(DA)(DC)(DT)(DT)(DA)(DT)(DC)(DC)(DG)(DC)(DC)(DT)(DG)
(DG)(DT)(DA)(DC)(DT)(DG)(DA)(DG)(DC)(DA)(DA)(DA)(DA)(DC)(DC)(DC)(DC)(DG)(DC)(DT)
(DA)(DA)(DT)(DC)(DC)(DT)(DA)(DA)(DT)(DC)(DC)(DT)(DT)(DC)(DT)(DC)(DT)(DT)(DG)(DA)
(DG)(DG)(DA)(DG)(DT)(DC)(DT)(DC)(DA)(DG)(DC)(DC)(DT)(DC)(DT)(DT)(DA)(DA)(DT)(DA)
(DC)(DT)(DT)(DT)(DC)(DA)(DT)(DG)(DT)(DT)(DT)(DC)(DA)(DG)(DA)(DA)(DT)(DA)(DA)(DT)
(DA)(DG)(DG)(DT)(DT)(DC)(DC)(DG)(DA)(DA)(DA)(DT)(DA)(DG)(DG)(DC)(DA)(DG)(DG)(DG)
(DG)(DG)(DC)(DA)(DT)(DT)(DA)(DA)(DC)(DT)(DG)(DT)(DT)(DT)(DA)(DT)(DA)(DC)(DG)(DG)
(DG)(DC)(DA)(DC)(DT)(DG)(DT)(DT)(DA)(DC)(DT)(DC)(DA)(DA)(DG)(DG)(DC)(DA)(DC)(DT)
(DG)(DA)(DC)(DC)(DC)(DC)(DG)(DT)(DT)(DA)(DA)(DA)(DA)(DC)(DT)(DT)(DA)(DT)(DT)(DA)
(DC)(DC)(DA)(DG)(DT)(DA)(DC)(DA)(DC)(DT)(DC)(DC)(DT)(DG)(DT)(DA)(DT)(DC)(DA)(DT)
(DC)(DA)(DA)(DA)(DA)(DG)(DC)(DC)(DA)(DT)(DG)(DT)(DA)(DT)(DG)(DA)(DC)(DG)(DC)(DT)
(DT)(DA)(DC)(DT)(DG)(DG)(DA)(DA)(DC)(DG)(DG)(DT)(DA)(DA)(DA)(DT)(DT)(DC)(DA)(DG)
(DA)(DG)(DA)(DC)(DT)(DG)(DC)(DG)(DC)(DT)(DT)(DT)(DC)(DC)(DA)(DT)(DT)(DC)(DT)(DG)
(DG)(DC)(DT)(DT)(DT)(DA)(DA)(DT)(DG)(DA)(DG)(DG)(DA)(DT)(DT)(DT)(DA)(DT)(DT)(DT)
(DG)(DT)(DT)(DT)(DG)(DT)(DG)(DA)(DA)(DT)(DA)(DT)(DC)(DA)(DA)(DG)(DG)(DC)(DC)(DA)
(DA)(DT)(DC)(DG)(DT)(DC)(DT)(DG)(DA)(DC)(DC)(DT)(DG)(DC)(DC)(DT)(DC)(DA)(DA)(DC)
(DC)(DT)(DC)(DC)(DT)(DG)(DT)(DC)(DA)(DA)(DT)(DG)(DC)(DT)(DG)(DG)(DC)(DG)(DG)(DC)
(DG)(DG)(DC)(DT)(DC)(DT)(DG)(DG)(DT)(DG)(DG)(DT)(DG)(DG)(DT)(DT)(DC)(DT)(DG)(DG)
(DT)(DG)(DG)(DC)(DG)(DG)(DC)(DT)(DC)(DT)(DG)(DA)(DG)(DG)(DG)(DT)(DG)(DG)(DT)(DG)
(DG)(DC)(DT)(DC)(DT)(DG)(DA)(DG)(DG)(DG)(DT)(DG)(DG)(DC)(DG)(DG)(DT)(DT)(DC)(DT)
(DG)(DA)(DG)(DG)(DG)(DT)(DG)(DG)(DC)(DG)(DG)(DC)(DT)(DC)(DT)(DG)(DA)(DG)(DG)(DG)
(DA)(DG)(DG)(DC)(DG)(DG)(DT)(DT)(DC)(DC)(DG)(DG)(DT)(DG)(DG)(DT)(DG)(DG)(DC)(DT)
(DC)(DT)(DG)(DG)(DT)(DT)(DC)(DC)(DG)(DG)(DT)(DG)(DA)(DT)(DT)(DT)(DT)(DG)(DA)(DT)
(DT)(DA)(DT)(DG)(DA)(DA)(DA)(DA)(DG)(DA)(DT)(DG)(DG)(DC)(DA)(DA)(DA)(DC)(DG)(DC)
(DT)(DA)(DA)(DT)(DA)(DA)(DG)(DG)(DG)(DG)(DG)(DC)(DT)(DA)(DT)(DG)(DA)(DC)(DC)(DG)
(DA)(DA)(DA)(DA)(DT)(DG)(DC)(DC)(DG)(DA)(DT)(DG)(DA)(DA)(DA)(DA)(DC)(DG)(DC)(DG)
(DC)(DT)(DA)(DC)(DA)(DG)(DT)(DC)(DT)(DG)(DA)(DC)(DG)(DC)(DT)(DA)(DA)(DA)(DG)(DG)
(DC)(DA)(DA)(DA)(DC)(DT)(DT)(DG)(DA)(DT)(DT)(DC)(DT)(DG)(DT)(DC)(DG)(DC)(DT)(DA)
(DC)(DT)(DG)(DA)(DT)(DT)(DA)(DC)(DG)(DG)(DT)(DG)(DC)(DT)(DG)(DC)(DT)(DA)(DT)(DC)
(DG)(DA)(DT)(DG)(DG)(DT)(DT)(DT)(DC)(DA)(DT)(DT)(DG)(DG)(DT)(DG)(DA)(DC)(DG)(DT)
(DT)(DT)(DC)(DC)(DG)(DG)(DC)(DC)(DT)(DT)(DG)(DC)(DT)(DA)(DA)(DT)(DG)(DG)(DT)(DA)
(DA)(DT)(DG)(DG)(DT)(DG)(DC)(DT)(DA)(DC)(DT)(DG)(DG)(DT)(DG)(DA)(DT)(DT)(DT)(DT)
(DG)(DC)(DT)(DG)(DG)(DC)(DT)(DC)(DT)(DA)(DA)(DT)(DT)(DC)(DC)(DC)(DA)(DA)(DA)(DT)
(DG)(DG)(DC)(DT)(DC)(DA)(DA)(DG)(DT)(DC)(DG)(DG)(DT)(DG)(DA)(DC)(DG)(DG)(DT)(DG)
(DA)(DT)(DA)(DA)(DT)(DT)(DC)(DA)(DC)(DC)(DT)(DT)(DT)(DA)(DA)(DT)(DG)(DA)(DA)(DT)
(DA)(DA)(DT)(DT)(DT)(DC)(DC)(DG)(DT)(DC)(DA)(DA)(DT)(DA)(DT)(DT)(DT)(DA)(DC)(DC)
(DT)(DT)(DC)(DC)(DC)(DT)(DC)(DC)(DC)(DT)(DC)(DA)(DA)(DT)(DC)(DG)(DG)(DT)(DT)(DG)
(DA)(DA)(DT)(DG)(DT)(DC)(DG)(DC)(DC)(DC)(DT)(DT)(DT)(DT)(DG)(DT)(DC)(DT)(DT)(DT)
(DG)(DG)(DC)(DG)(DC)(DT)(DG)(DG)(DT)(DA)(DA)(DA)(DC)(DC)(DA)(DT)(DA)(DT)(DG)(DA)
(DA)(DT)(DT)(DT)(DT)(DC)(DT)(DA)(DT)(DT)(DG)(DA)(DT)(DT)(DG)(DT)(DG)(DA)(DC)(DA)
(DA)(DA)(DA)(DT)(DA)(DA)(DA)(DC)(DT)(DT)(DA)(DT)(DT)(DC)(DC)(DG)(DT)(DG)(DG)(DT)
(DG)(DT)(DC)(DT)(DT)(DT)(DG)(DC)(DG)(DT)(DT)(DT)(DC)(DT)(DT)(DT)(DT)(DA)(DT)(DA)
(DT)(DG)(DT)(DT)(DG)(DC)(DC)(DA)(DC)(DC)(DT)(DT)(DT)(DA)(DT)(DG)(DT)(DA)(DT)(DG)
(DT)(DA)(DT)(DT)(DT)(DT)(DC)(DT)(DA)(DC)(DG)(DT)(DT)(DT)(DG)(DC)(DT)(DA)(DA)(DC)
(DA)(DT)(DA)(DC)(DT)(DG)(DC)(DG)(DT)(DA)(DA)(DT)(DA)(DA)(DG)(DG)(DA)(DG)(DT)(DC)
(DT)(DT)(DA)(DA)(DT)(DC)(DA)(DT)(DG)(DC)(DC)(DA)(DG)(DT)(DT)(DC)(DT)(DT)(DT)(DT)
(DG)(DG)(DG)(DT)(DA)(DT)(DT)(DC)(DC)(DG)(DT)(DT)(DA)(DT)(DT)(DA)(DT)(DT)(DG)(DC)
(DG)(DT)(DT)(DT)(DC)(DC)(DT)(DC)(DG)(DG)(DT)(DT)(DT)(DC)(DC)(DT)(DT)(DC)(DT)(DG)
(DG)(DT)(DA)(DA)(DC)(DT)(DT)(DT)(DG)(DT)(DT)(DC)(DG)(DG)(DC)(DT)(DA)(DT)(DC)(DT)
(DG)(DC)(DT)(DT)(DA)(DC)(DT)(DT)(DT)(DT)(DC)(DT)(DT)(DA)(DA)(DA)(DA)(DA)(DG)(DG)
(DG)(DC)(DT)(DT)(DC)(DG)(DG)(DT)(DA)(DA)(DG)(DA)(DT)(DA)(DG)(DC)(DT)(DA)(DT)(DT)
(DG)(DC)(DT)(DA)(DT)(DT)(DT)(DC)(DA)(DT)(DT)(DG)(DT)(DT)(DT)(DC)(DT)(DT)(DG)(DC)
(DT)(DC)(DT)(DT)(DA)(DT)(DT)(DA)(DT)(DT)(DG)(DG)(DG)(DC)(DT)(DT)(DA)(DA)(DC)(DT)
(DC)(DA)(DA)(DT)(DT)(DC)(DT)(DT)(DG)(DT)(DG)(DG)(DG)(DT)(DT)(DA)(DT)(DC)(DT)(DC)
(DT)(DC)(DT)(DG)(DA)(DT)(DA)(DT)(DT)(DA)(DG)(DC)(DG)(DC)(DT)(DC)(DA)(DA)(DT)(DT)
(DA)(DC)(DC)(DC)(DT)(DC)(DT)(DG)(DA)(DC)(DT)(DT)(DT)(DG)(DT)(DT)(DC)(DA)(DG)(DG)
(DG)(DT)(DG)(DT)(DT)(DC)(DA)(DG)(DT)(DT)(DA)(DA)(DT)(DT)(DC)(DT)(DC)(DC)(DC)(DG)
(DT)(DC)(DT)(DA)(DA)(DT)(DG)(DC)(DG)(DC)(DT)(DT)(DC)(DC)(DC)(DT)(DG)(DT)(DT)(DT)
(DT)(DT)(DA)(DT)(DG)(DT)(DT)(DA)(DT)(DT)(DC)(DT)(DC)(DT)(DC)(DT)(DG)(DT)(DA)(DA)
(DA)(DG)(DG)(DC)(DT)(DG)(DC)(DT)(DA)(DT)(DT)(DT)(DT)(DC)(DA)(DT)(DT)(DT)(DT)(DT)
(DG)(DA)(DC)(DG)(DT)(DT)(DA)(DA)(DA)(DC)(DA)(DA)(DA)(DA)(DA)(DA)(DT)(DC)(DG)(DT)
(DT)(DT)(DC)(DT)(DT)(DA)(DT)(DT)(DT)(DG)(DG)(DA)(DT)(DT)(DG)(DG)(DG)(DA)(DT)(DA)
(DA)(DA)(DT)(DA)(DA)(DT)(DA)(DT)(DG)(DG)(DC)(DT)(DG)(DT)(DT)(DT)(DA)(DT)(DT)(DT)
(DT)(DG)(DT)(DA)(DA)(DC)(DT)(DG)(DG)(DC)(DA)(DA)(DA)(DT)(DT)(DA)(DG)(DG)(DC)(DT)
(DC)(DT)(DG)(DG)(DA)(DA)(DA)(DG)(DA)(DC)(DG)(DC)(DT)(DC)(DG)(DT)(DT)(DA)(DG)(DC)
(DG)(DT)(DT)(DG)(DG)(DT)(DA)(DA)(DG)(DA)(DT)(DT)(DC)(DA)(DG)(DG)(DA)(DT)(DA)(DA)
(DA)(DA)(DT)(DT)(DG)(DT)(DA)(DG)(DC)(DT)(DG)(DG)(DG)(DT)(DG)(DC)(DA)(DA)(DA)(DA)
(DT)(DA)(DG)(DC)(DA)(DA)(DC)(DT)(DA)(DA)(DT)(DC)(DT)(DT)(DG)(DA)(DT)(DT)(DT)(DA)
(DA)(DG)(DG)(DC)(DT)(DT)(DC)(DA)(DA)(DA)(DA)(DC)(DC)(DT)(DC)(DC)(DC)(DG)(DC)(DA)
(DA)(DG)(DT)(DC)(DG)(DG)(DG)(DA)(DG)(DG)(DT)(DT)(DC)(DG)(DC)(DT)(DA)(DA)(DA)(DA)
(DC)(DG)(DC)(DC)(DT)(DC)(DG)(DC)(DG)(DT)(DT)(DC)(DT)(DT)(DA)(DG)(DA)(DA)(DT)(DA)
(DC)(DC)(DG)(DG)(DA)(DT)(DA)(DA)(DG)(DC)(DC)(DT)(DT)(DC)(DT)(DA)(DT)(DA)(DT)(DC)
(DT)(DG)(DA)(DT)(DT)(DT)(DG)(DC)(DT)(DT)(DG)(DC)(DT)(DA)(DT)(DT)(DG)(DG)(DG)(DC)
(DG)(DC)(DG)(DG)(DT)(DA)(DA)(DT)(DG)(DA)(DT)(DT)(DC)(DC)(DT)(DA)(DC)(DG)(DA)(DT)
(DG)(DA)(DA)(DA)(DA)(DT)(DA)(DA)(DA)(DA)(DA)(DC)(DG)(DG)(DC)(DT)(DT)(DG)(DC)(DT)
(DT)(DG)(DT)(DT)(DC)(DT)(DC)(DG)(DA)(DT)(DG)(DA)(DG)(DT)(DG)(DC)(DG)(DG)(DT)(DA)
(DC)(DT)(DT)(DG)(DG)(DT)(DT)(DT)(DA)(DA)(DT)(DA)(DC)(DC)(DC)(DG)(DT)(DT)(DC)(DT)
(DT)(DG)(DG)(DA)(DA)(DT)(DG)(DA)(DT)(DA)(DA)(DG)(DG)(DA)(DA)(DA)(DG)(DA)(DC)(DA)
(DG)(DC)(DC)(DG)(DA)(DT)(DT)(DA)(DT)(DT)(DG)(DA)(DT)(DT)(DG)(DG)(DT)(DT)(DT)(DC)
(DT)(DA)(DC)(DA)(DT)(DG)(DC)(DT)(DC)(DG)(DT)(DA)(DA)(DA)(DT)(DT)(DA)(DG)(DG)(DA)
(DT)(DG)(DG)(DG)(DA)(DT)(DA)(DT)(DT)(DA)(DT)(DT)(DT)(DT)(DT)(DC)(DT)(DT)(DG)(DT)
(DT)(DC)(DA)(DG)(DG)(DA)(DC)(DT)(DT)(DA)(DT)(DC)(DT)(DA)(DT)(DT)(DG)(DT)(DT)(DG)
(DA)(DT)(DA)(DA)(DA)(DC)(DA)(DG)(DG)(DC)(DG)(DC)(DG)(DT)(DT)(DC)(DT)(DG)(DC)(DA)
(DT)(DT)(DA)(DG)(DC)(DT)(DG)(DA)(DA)(DC)(DA)(DT)(DG)(DT)(DT)(DG)(DT)(DT)(DT)(DA)
(DT)(DT)(DG)(DT)(DC)(DG)(DT)(DC)(DG)(DT)(DC)(DT)(DG)(DG)(DA)(DC)(DA)(DG)(DA)(DA)
(DT)(DT)(DA)(DC)(DT)(DT)(DT)(DA)(DC)(DC)(DT)(DT)(DT)(DT)(DG)(DT)(DC)(DG)(DG)(DT)
(DA)(DC)(DT)(DT)(DT)(DA)(DT)(DA)(DT)(DT)(DC)(DT)(DC)(DT)(DT)(DA)(DT)(DT)(DA)(DC)
(DT)(DG)(DG)(DC)(DT)(DC)(DG)(DA)(DA)(DA)(DA)(DT)(DG)(DC)(DC)(DT)(DC)(DT)(DG)(DC)
(DC)(DT)(DA)(DA)(DA)(DT)(DT)(DA)(DC)(DA)(DT)(DG)(DT)(DT)(DG)(DG)(DC)(DG)(DT)(DT)
(DG)(DT)(DT)(DA)(DA)(DA)(DT)(DA)(DT)(DG)(DG)(DC)(DG)(DA)(DT)(DT)(DC)(DT)(DC)(DA)
(DA)(DT)(DT)(DA)(DA)(DG)(DC)(DC)(DC)(DT)(DA)(DC)(DT)(DG)(DT)(DT)(DG)(DA)(DG)(DC)
(DG)(DT)(DT)(DG)(DG)(DC)(DT)(DT)(DT)(DA)(DT)(DA)(DC)(DT)(DG)(DG)(DT)(DA)(DA)(DG)
(DA)(DA)(DT)(DT)(DT)(DG)(DT)(DA)(DT)(DA)(DA)(DC)(DG)(DC)(DA)(DT)(DA)(DT)(DG)(DA)
(DT)(DA)(DC)(DT)(DA)(DA)(DA)(DC)(DA)(DG)(DG)(DC)(DT)(DT)(DT)(DT)(DT)(DC)(DT)(DA)
(DG)(DT)(DA)(DA)(DT)(DT)(DA)(DT)(DG)(DA)(DT)(DT)(DC)(DC)(DG)(DG)(DT)(DG)(DT)(DT)
(DT)(DA)(DT)(DT)(DC)(DT)(DT)(DA)(DT)(DT)(DT)(DA)(DA)(DC)(DG)(DC)(DC)(DT)(DT)(DA)
(DT)(DT)(DT)(DA)(DT)(DC)(DA)(DC)(DA)(DC)(DG)(DG)(DT)(DC)(DG)(DG)(DT)(DA)(DT)(DT)
(DT)(DC)(DA)(DA)(DA)(DC)(DC)(DA)(DT)(DT)(DA)(DA)(DA)(DT)(DT)(DT)(DA)(DG)(DG)(DT)
(DC)(DA)(DG)(DA)(DA)(DG)(DA)(DT)(DG)(DA)(DA)(DA)(DT)(DT)(DA)(DA)(DC)(DT)(DA)(DA)
(DA)(DA)(DT)(DA)(DT)(DA)(DT)(DT)(DT)(DG)(DA)(DA)(DA)(DA)(DA)(DG)(DT)(DT)(DT)(DT)
(DC)(DT)(DC)(DG)(DC)(DG)(DT)(DT)(DC)(DT)(DT)(DT)(DG)(DT)(DC)(DT)(DT)(DG)(DC)(DG)
(DA)(DT)(DT)(DG)(DG)(DA)(DT)(DT)(DT)(DG)(DC)(DA)(DT)(DC)(DA)(DG)(DC)(DA)(DT)(DT)
(DT)(DA)(DC)(DA)(DT)(DA)(DT)(DA)(DG)(DT)(DT)(DA)(DT)(DA)(DT)(DA)(DA)(DC)(DC)(DC)
(DA)(DA)(DC)(DC)(DT)(DA)(DA)(DG)(DC)(DC)(DG)(DG)(DA)(DG)(DG)(DT)(DT)(DA)(DA)(DA)
(DA)(DA)(DG)(DG)(DT)(DA)(DG)(DT)(DC)(DT)(DC)(DT)(DC)(DA)(DG)(DA)(DC)(DC)(DT)(DA)
(DT)(DG)(DA)(DT)(DT)(DT)(DT)(DG)(DA)(DT)(DA)(DA)(DA)(DT)(DT)(DC)(DA)(DC)(DT)(DA)
(DT)(DT)(DG)(DA)(DC)(DT)(DC)(DT)(DT)(DC)(DT)(DC)(DA)(DG)(DC)(DG)(DT)(DC)(DT)(DT)
(DA)(DA)(DT)(DC)(DT)(DA)(DA)(DG)(DC)(DT)(DA)(DT)(DC)(DG)(DC)(DT)(DA)(DT)(DG)(DT)
(DT)(DT)(DT)(DC)(DA)(DA)(DG)(DG)(DA)(DT)(DT)(DC)(DT)(DA)(DA)(DG)(DG)(DG)(DA)(DA)
(DA)(DA)(DT)(DT)(DA)(DA)(DT)(DT)(DA)(DA)(DT)(DA)(DG)(DC)(DG)(DA)(DC)(DG)(DA)(DT)
(DT)(DT)(DA)(DC)(DA)(DG)(DA)(DA)(DG)(DC)(DA)(DA)(DG)(DG)(DT)(DT)(DA)(DT)(DT)(DC)
(DA)(DC)(DT)(DC)(DA)(DC)(DA)(DT)(DA)(DT)(DA)(DT)(DT)(DG)(DA)(DT)(DT)(DT)(DA)(DT)
(DG)(DT)(DA)(DC)(DT)(DG)(DT)(DT)(DT)(DC)(DC)(DA)(DT)(DT)(DA)(DA)(DA)(DA)(DA)(DA)
(DG)(DG)(DT)(DA)(DA)(DT)(DT)(DC)(DA)(DA)(DA)(DT)(DG)(DA)(DA)(DA)(DT)(DT)(DG)(DT)
(DT)(DA)(DA)(DA)(DT)(DG)(DT)(DA)(DA)(DT)(DT)(DA)(DA)(DT)(DT)(DT)(DT)(DG)(DT)(DT)
(DT)(DT)(DC)(DT)(DT)(DG)(DA)(DT)(DG)(DT)(DT)(DT)(DG)(DT)(DT)(DT)(DC)(DA)(DT)(DC)
(DA)(DT)(DC)(DT)(DT)(DC)(DT)(DT)(DT)(DT)(DG)(DC)(DT)(DC)(DA)(DG)(DG)(DT)(DA)(DA)
(DT)(DT)(DG)(DA)(DA)(DA)(DT)(DG)(DA)(DA)(DT)(DA)(DA)(DT)(DT)(DC)(DG)(DC)(DC)(DT)
(DC)(DT)(DG)(DC)(DG)(DC)(DG)(DA)(DT)(DT)(DT)(DT)(DG)(DT)(DA)(DA)(DC)(DT)(DT)(DG)
(DG)(DT)(DA)(DT)(DT)(DC)(DA)(DA)(DA)(DG)(DC)(DA)(DA)(DT)(DC)(DA)(DG)(DG)(DC)(DG)
(DA)(DA)(DT)(DC)(DC)(DG)(DT)(DT)(DA)(DT)(DT)(DG)(DT)(DT)(DT)(DC)(DT)(DC)(DC)(DC)
(DG)(DA)(DT)(DG)(DT)(DA)(DA)(DA)(DA)(DG)(DG)(DT)(DA)(DC)(DT)(DG)(DT)(DT)(DA)(DC)
(DT)(DG)(DT)(DA)(DT)(DA)(DT)(DT)(DC)(DA)(DT)(DC)(DT)(DG)(DA)(DC)(DG)(DT)(DT)(DA)
(DA)(DA)(DC)(DC)(DT)(DG)(DA)(DA)(DA)(DA)(DT)(DC)(DT)(DA)(DC)(DG)(DC)(DA)(DA)(DT)
(DT)(DT)(DC)(DT)(DT)(DT)(DA)(DT)(DT)(DT)(DC)(DT)(DG)(DT)(DT)(DT)(DT)(DA)(DC)(DG)
(DT)(DG)(DC)(DA)(DA)(DA)(DT)(DA)(DA)(DT)(DT)(DT)(DT)(DG)(DA)(DT)(DA)(DT)(DG)(DG)
(DT)(DA)(DG)(DG)(DT)(DT)(DC)(DT)(DA)(DA)(DC)(DC)(DC)(DT)(DT)(DC)(DC)(DA)(DT)(DT)
(DA)(DT)(DT)(DC)(DA)(DG)(DA)(DA)(DG)(DT)(DA)(DT)(DA)(DA)(DT)(DC)(DC)(DA)(DA)(DA)
(DC)(DA)(DA)(DT)(DC)(DA)(DG)(DG)(DA)(DT)(DT)(DA)(DT)(DA)(DT)(DT)(DG)(DA)(DT)(DG)
(DA)(DA)(DT)(DT)(DG)(DC)(DC)(DA)(DT)(DC)(DA)(DT)(DC)(DT)(DG)(DA)(DT)(DA)(DA)(DT)
(DC)(DA)(DG)(DG)(DA)(DA)(DT)(DA)(DT)(DG)(DA)(DT)(DG)(DA)(DT)(DA)(DA)(DT)(DT)(DC)
(DC)(DG)(DC)(DT)(DC)(DC)(DT)(DT)(DC)(DT)(DG)(DG)(DT)(DG)(DG)(DT)(DT)(DT)(DC)(DT)
(DT)(DT)(DG)(DT)(DT)(DC)(DC)(DG)(DC)(DA)(DA)(DA)(DA)(DT)(DG)(DA)(DT)(DA)(DA)(DT)
(DG)(DT)(DT)(DA)(DC)(DT)(DC)(DA)(DA)(DA)(DC)(DT)(DT)(DT)(DT)(DA)(DA)(DA)(DA)(DT)
(DT)(DA)(DA)(DT)(DA)(DA)(DC)(DG)(DT)(DT)(DC)(DG)(DG)(DG)(DC)(DA)(DA)(DA)(DG)(DG)
(DA)(DT)(DT)(DT)(DA)(DA)(DT)(DA)(DC)(DG)(DA)(DG)(DT)(DT)(DG)(DT)(DC)(DG)(DA)(DA)
(DT)(DT)(DG)(DT)(DT)(DT)(DG)(DT)(DA)(DA)(DA)(DG)(DT)(DC)(DT)(DA)(DA)(DT)(DA)(DC)
(DT)(DT)(DC)(DT)(DA)(DA)(DA)(DT)(DC)(DC)(DT)(DC)(DA)(DA)(DA)(DT)(DG)(DT)(DA)(DT)
(DT)(DA)(DT)(DC)(DT)(DA)(DT)(DT)(DG)(DA)(DC)(DG)(DG)(DC)(DT)(DC)(DT)(DA)(DA)(DT)
(DC)(DT)(DA)(DT)(DT)(DA)(DG)(DT)(DT)(DG)(DT)(DT)(DA)(DG)(DT)(DG)(DC)(DT)(DC)(DC)
(DT)(DA)(DA)(DA)(DG)(DA)(DT)(DA)(DT)(DT)(DT)(DT)(DA)(DG)(DA)(DT)(DA)(DA)(DC)(DC)
(DT)(DT)(DC)(DC)(DT)(DC)(DA)(DA)(DT)(DT)(DC)(DC)(DT)(DT)(DT)(DC)(DA)(DA)(DC)(DT)
(DG)(DT)(DT)(DG)(DA)(DT)(DT)(DT)(DG)(DC)(DC)(DA)(DA)(DC)(DT)(DG)(DA)(DC)(DC)(DA)
(DG)(DA)(DT)(DA)(DT)(DT)(DG)(DA)(DT)(DT)(DG)(DA)(DG)(DG)(DG)(DT)(DT)(DT)(DG)(DA)
(DT)(DA)(DT)(DT)(DT)(DG)(DA)(DG)(DG)(DT)(DT)(DC)(DA)(DG)(DC)(DA)(DA)(DG)(DG)(DT)
(DG)(DA)(DT)(DG)(DC)(DT)(DT)(DT)(DA)(DG)(DA)(DT)(DT)(DT)(DT)(DT)(DC)(DA)(DT)(DT)
(DT)(DG)(DC)(DT)(DG)(DC)(DT)(DG)(DG)(DC)(DT)(DC)(DT)(DC)(DA)(DG)(DC)(DG)(DT)(DG)
(DG)(DC)(DA)(DC)(DT)(DG)(DT)(DT)(DG)(DC)(DA)(DG)(DG)(DC)(DG)(DG)(DT)(DG)(DT)(DT)
(DA)(DA)(DT)(DA)(DC)(DT)(DG)(DA)(DC)(DC)(DG)(DC)(DC)(DT)(DC)(DA)(DC)(DC)(DT)(DC)
(DT)(DG)(DT)(DT)(DT)(DT)(DA)(DT)(DC)(DT)(DT)(DC)(DT)(DG)(DC)(DT)(DG)(DG)(DT)(DG)
(DG)(DT)(DT)(DC)(DG)(DT)(DT)(DC)(DG)(DG)(DT)(DA)(DT)(DT)(DT)(DT)(DT)(DA)(DA)(DT)
(DG)(DG)(DC)(DG)(DA)(DT)(DG)(DT)(DT)(DT)(DT)(DA)(DG)(DG)(DG)(DC)(DT)(DA)(DT)(DC)
(DA)(DG)(DT)(DT)(DC)(DG)(DC)(DG)(DC)(DA)(DT)(DT)(DA)(DA)(DA)(DG)(DA)(DC)(DT)(DA)
(DA)(DT)(DA)(DG)(DC)(DC)(DA)(DT)(DT)(DC)(DA)(DA)(DA)(DA)(DA)(DT)(DA)(DT)(DT)(DG)
(DT)(DC)(DT)(DG)(DT)(DG)(DC)(DC)(DA)(DC)(DG)(DT)(DA)(DT)(DT)(DC)(DT)(DT)(DA)(DC)
(DG)(DC)(DT)(DT)(DT)(DC)(DA)(DG)(DG)(DT)(DC)(DA)(DG)(DA)(DA)(DG)(DG)(DG)(DT)(DT)
(DC)(DT)(DA)(DT)(DC)(DT)(DC)(DT)(DG)(DT)(DT)(DG)(DG)(DC)(DC)(DA)(DG)(DA)(DA)(DT)
(DG)(DT)(DC)(DC)(DC)(DT)(DT)(DT)(DT)(DA)(DT)(DT)(DA)(DC)(DT)(DG)(DG)(DT)(DC)(DG)
(DT)(DG)(DT)(DG)(DA)(DC)(DT)(DG)(DG)(DT)(DG)(DA)(DA)(DT)(DC)(DT)(DG)(DC)(DC)(DA)
(DA)(DT)(DG)(DT)(DA)(DA)(DA)(DT)(DA)(DA)(DT)(DC)(DC)(DA)(DT)(DT)(DT)(DC)(DA)(DG)
(DA)(DC)(DG)(DA)(DT)(DT)(DG)(DA)(DG)(DC)(DG)(DT)(DC)(DA)(DA)(DA)(DA)(DT)(DG)(DT)
(DA)(DG)(DG)(DT)(DA)(DT)(DT)(DT)(DC)(DC)(DA)(DT)(DG)(DA)(DG)(DC)(DG)(DT)(DT)(DT)
(DT)(DT)(DC)(DC)(DT)(DG)(DT)(DT)(DG)(DC)(DA)(DA)(DT)(DG)(DG)(DC)(DT)(DG)(DG)(DC)
(DG)(DG)(DT)(DA)(DA)(DT)(DA)(DT)(DT)(DG)(DT)(DT)(DC)(DT)(DG)(DG)(DA)(DT)(DA)(DT)
(DT)(DA)(DC)(DC)(DA)(DG)(DC)(DA)(DA)(DG)(DG)(DC)(DC)(DG)(DA)(DT)(DA)(DG)(DT)(DT)
(DT)(DG)(DA)(DG)(DT)(DT)(DC)(DT)(DT)(DC)(DT)(DA)(DC)(DT)(DC)(DA)(DG)(DG)(DC)(DA)
(DA)(DG)(DT)(DG)(DA)(DT)(DG)(DT)(DT)(DA)(DT)(DT)(DA)(DC)(DT)(DA)(DA)(DT)(DC)(DA)
(DA)(DA)(DG)(DA)(DA)(DG)(DT)(DA)(DT)(DT)(DG)(DC)(DT)(DA)(DC)(DA)(DA)(DC)(DG)(DG)
(DT)(DT)(DA)(DA)(DT)(DT)(DT)(DG)(DC)(DG)(DT)(DG)(DA)(DT)(DG)(DG)(DA)(DC)(DA)(DG)
(DA)(DC)(DT)(DC)(DT)(DT)(DT)(DT)(DA)(DC)(DT)(DC)(DG)(DG)(DT)(DG)(DG)(DC)(DC)(DT)
(DC)(DA)(DC)(DT)(DG)(DA)(DT)(DT)(DA)(DT)(DA)(DA)(DA)(DA)(DA)(DC)(DA)(DC)(DT)(DT)
(DC)(DT)(DC)(DA)(DG)(DG)(DA)(DT)(DT)(DC)(DT)(DG)(DG)(DC)(DG)(DT)(DA)(DC)(DC)(DG)
(DT)(DT)(DC)(DC)(DT)(DG)(DT)(DC)(DT)(DA)(DA)(DA)(DA)(DT)(DC)(DC)(DC)(DT)(DT)(DT)
(DA)(DA)(DT)(DC)(DG)(DG)(DC)(DC)(DT)(DC)(DC)(DT)(DG)(DT)(DT)(DT)(DA)(DG)(DC)(DT)
(DC)(DC)(DC)(DG)(DC)(DT)(DC)(DT)(DG)(DA)(DT)(DT)(DC)(DT)(DA)(DA)(DC)(DG)(DA)(DG)
(DG)(DA)(DA)(DA)(DG)(DC)(DA)(DC)(DG)(DT)(DT)(DA)(DT)(DA)(DC)(DG)(DT)(DG)(DC)(DT)
(DC)(DG)(DT)(DC)(DA)(DA)(DA)(DG)(DC)(DA)(DA)(DC)(DC)(DA)(DT)(DA)(DG)(DT)(DA)(DC)
(DG)(DC)(DG)(DC)(DC)(DC)(DT)(DG)(DT)(DA)(DG)(DC)(DG)(DG)(DC)(DG)(DC)(DA)(DT)(DT)
(DA)(DA)(DG)(DC)(DG)(DC)(DG)(DG)(DC)(DG)(DG)(DG)(DT)(DG)(DT)(DG)(DG)(DT)(DG)(DG)
(DT)(DT)(DA)(DC)(DG)(DC)(DG)(DC)(DA)(DG)(DC)(DG)(DT)(DG)(DA)(DC)(DC)(DG)(DC)(DT)
(DA)(DC)(DA)(DC)(DT)(DT)(DG)(DC)(DC)(DA)(DG)(DC)(DG)(DC)(DC)(DC)(DT)(DA)(DG)(DC)
(DG)(DC)(DC)(DC)(DG)(DC)(DT)(DC)(DC)(DT)(DT)(DT)(DC)(DG)(DC)(DT)(DT)(DT)(DC)(DT)
(DT)(DC)(DC)(DC)(DT)(DT)(DC)(DC)(DT)(DT)(DT)(DC)(DT)(DC)(DG)(DC)(DC)(DA)(DC)(DG)
(DT)(DT)(DC)(DG)(DC)(DC)(DG)(DG)(DC)(DT)(DT)(DT)(DC)(DC)(DC)(DC)(DG)(DT)(DC)(DA)
(DA)(DG)(DC)(DT)(DC)(DT)(DA)(DA)(DA)(DT)(DC)(DG)(DG)(DG)(DG)(DG)(DC)(DT)(DC)(DC)
(DC)(DT)(DT)(DT)(DA)(DG)(DG)(DG)(DT)(DT)(DC)(DC)(DG)(DA)(DT)(DT)(DT)(DA)(DG)(DT)
(DG)(DC)(DT)(DT)(DT)(DA)(DC)(DG)(DG)(DC)(DA)(DC)(DC)(DT)(DC)(DG)(DA)(DC)(DC)(DC)
(DC)(DA)(DA)(DA)(DA)(DA)(DA)(DC)(DT)(DT)(DG)(DA)(DT)(DT)(DT)(DG)(DG)(DG)(DT)(DG)
(DA)(DT)(DG)(DG)(DT)(DT)(DC)(DA)(DC)(DG)(DT)(DA)(DG)(DT)(DG)(DG)(DG)(DC)(DC)(DA)
(DT)(DC)(DG)(DC)(DC)(DT)(DG)(DA)(DT)(DA)(DG)(DA)(DC)(DG)(DG)(DT)(DT)(DT)(DT)(DT)
(DC)(DG)(DC)(DC)(DC)(DT)(DT)(DT)(DG)(DA)(DC)(DG)(DT)(DT)(DG)(DG)(DA)(DG)(DT)(DC)
(DC)(DA)(DC)(DG)(DT)(DT)(DC)(DT)(DT)(DT)(DA)(DA)(DT)(DA)(DG)(DT)(DG)(DG)(DA)(DC)
(DT)(DC)(DT)(DT)(DG)(DT)(DT)(DC)(DC)(DA)(DA)(DA)(DC)(DT)(DG)(DG)(DA)(DA)(DC)(DA)
(DA)(DC)(DA)(DC)(DT)(DC)(DA)(DA)(DC)(DC)(DC)(DT)(DA)(DT)(DC)(DT)(DC)(DG)(DG)(DG)
(DC)(DT)(DA)(DT)(DT)(DC)(DT)(DT)(DT)(DT)(DG)(DA)(DT)(DT)(DT)(DA)(DT)(DA)(DA)(DG)
(DG)(DG)(DA)(DT)(DT)(DT)(DT)(DG)(DC)(DC)(DG)(DA)(DT)(DT)(DT)(DC)(DG)(DG)(DA)(DA)
(DC)(DC)(DA)(DC)(DC)(DA)(DT)(DC)(DA)(DA)(DA)(DC)(DA)(DG)(DG)(DA)(DT)(DT)(DT)(DT)
(DC)(DG)(DC)(DC)(DT)(DG)(DC)(DT)(DG)(DG)(DG)(DG)(DC)(DA)(DA)(DA)(DC)(DC)(DA)(DG)
(DC)(DG)(DT)(DG)(DG)(DA)(DC)(DC)(DG)(DC)(DT)(DT)(DG)(DC)(DT)(DG)(DC)(DA)(DA)(DC)
(DT)(DC)(DT)(DC)(DT)(DC)(DA)(DG)(DG)(DG)(DC)(DC)(DA)(DG)(DG)(DC)(DG)(DG)(DT)(DG)
(DA)(DA)(DG)(DG)(DG)(DC)(DA)(DA)(DT)(DC)(DA)(DG)(DC)(DT)(DG)(DT)(DT)(DG)(DC)(DC)
(DC)(DG)(DT)(DC)(DT)(DC)(DA)(DC)(DT)(DG)(DG)(DT)(DG)(DA)(DA)(DA)(DA)(DG)(DA)(DA)
(DA)(DA)(DA)(DC)(DC)(DA)(DC)(DC)(DC)(DT)(DG)(DG)(DC)(DG)(DC)(DC)(DC)(DA)(DA)(DT)
(DA)(DC)(DG)(DC)(DA)(DA)(DA)(DC)(DC)(DG)(DC)(DC)(DT)(DC)(DT)(DC)(DC)(DC)(DC)(DG)
(DC)(DG)(DC)(DG)(DT)(DT)(DG)(DG)(DC)(DC)(DG)(DA)(DT)(DT)(DC)(DA)(DT)(DT)(DA)(DA)
(DT)(DG)(DC)(DA)(DG)(DC)(DT)(DG)(DG)(DC)(DA)(DC)(DG)(DA)(DC)(DA)(DG)(DG)(DT)(DT)
(DT)(DC)(DC)(DC)(DG)(DA)(DC)(DT)(DG)(DG)(DA)(DA)(DA)(DG)(DC)(DG)(DG)(DG)(DC)(DA)
(DG)(DT)(DG)(DA)(DG)(DC)(DG)(DC)(DA)(DA)(DC)(DG)(DC)(DA)(DA)(DT)(DT)(DA)(DA)(DT)
(DG)(DT)(DG)(DA)(DG)(DT)(DT)(DA)(DG)(DC)(DT)(DC)(DA)(DC)(DT)(DC)(DA)(DT)(DT)(DA)
(DG)(DG)(DC)(DA)(DC)(DC)(DC)(DC)(DA)(DG)(DG)(DC)(DT)(DT)(DT)(DA)(DC)(DA)(DC)(DT)
(DT)(DT)(DA)(DT)(DG)(DC)(DT)(DT)(DC)(DC)(DG)(DG)(DC)(DT)(DC)(DG)(DT)(DA)(DT)(DG)
(DT)(DT)(DG)(DT)(DG)(DT)(DG)(DG)(DA)(DA)(DT)(DT)(DG)(DT)(DG)(DA)(DG)(DC)(DG)(DG)
(DA)(DT)(DA)(DA)(DC)(DA)(DA)(DT)(DT)(DT)(DC)(DA)(DC)(DA)(DC)(DA)(DG)(DG)(DA)(DA)
(DA)(DC)(DA)(DG)(DC)(DT)(DA)(DT)(DG)(DA)(DC)(DC)(DA)(DT)(DG)(DA)(DT)(DT)(DA)(DC)
(DG)(DA)(DA)(DT)(DT)(DC)(DG)(DA)(DG)(DC)(DT)(DC)(DG)(DG)(DT)(DA)(DC)(DC)(DC)(DG)
(DG)(DG)(DG)(DA)(DT)(DC)(DC)(DT)(DC)(DT)(DA)(DG)(DA)(DG)(DT)(DC)(DG)(DA)(DC)(DC)
(DT)(DG)(DC)(DA)(DG)(DG)(DC)(DA)(DT)(DG)(DC)(DA)(DA)(DG)(DC)(DT)(DT)(DG)(DG)(DC)
(DA)(DC)(DT)(DG)(DG)(DC)(DC)(DG)(DT)(DC)(DG)(DT)(DT)(DT)(DT)(DA)(DC)(DA)(DA)(DC)
(DG)(DT)(DC)(DG)(DT)(DG)(DA)(DC)(DT)(DG)(DG)(DG)(DA)(DA)(DA)(DA)(DC)(DC)(DC)(DT)
(DG)(DG)(DC)(DG)(DT)(DT)(DA)(DC)(DC)(DC)(DA)(DA)(DC)(DT)(DT)(DA)(DA)(DT)(DC)(DG)
(DC)(DC)(DT)(DT)(DG)(DC)(DA)(DG)(DC)(DA)(DC)(DA)(DT)(DC)(DC)(DC)(DC)(DC)(DT)(DT)
(DT)(DC)(DG)(DC)(DC)(DA)(DG)(DC)(DT)(DG)(DG)(DC)(DG)(DT)(DA)(DA)(DT)(DA)(DG)(DC)
(DG)(DA)(DA)(DG)(DA)(DG)(DG)(DC)(DC)(DC)(DG)(DC)(DA)(DC)(DC)(DG)(DA)(DT)(DC)(DG)
(DC)(DC)(DC)(DT)(DT)(DC)(DC)(DC)(DA)(DA)(DC)(DA)(DG)(DT)(DT)(DG)(DC)(DG)(DC)(DA)
(DG)(DC)(DC)(DT)(DG)(DA)(DA)(DT)(DG)(DG)(DC)(DG)(DA)(DA)(DT)(DG)(DG)(DC)(DG)(DC)
(DT)(DT)(DT)(DG)(DC)(DC)(DT)(DG)(DG)(DT)(DT)(DT)(DC)(DC)(DG)(DG)(DC)(DA)(DC)(DC)
(DA)(DG)(DA)(DA)(DG)(DC)(DG)(DG)(DT)(DG)(DC)(DC)(DG)(DG)(DA)(DA)(DA)(DG)(DC)(DT)
(DG)(DG)(DC)(DT)(DG)(DG)(DA)(DG)(DT)(DG)(DC)(DG)(DA)(DT)(DC)(DT)(DT)(DC)(DC)(DT)
(DG)(DA)(DG)(DG)(DC)(DC)(DG)(DA)(DT)(DA)(DC)(DT)(DG)(DT)(DC)(DG)(DT)(DC)(DG)(DT)
(DC)(DC)(DC)(DC)(DT)(DC)(DA)(DA)(DA)(DC)(DT)(DG)(DG)(DC)(DA)(DG)(DA)(DT)(DG)(DC)
(DA)(DC)(DG)(DG)(DT)(DT)(DA)(DC)(DG)(DA)(DT)(DG)(DC)(DG)(DC)(DC)(DC)(DA)(DT)(DC)
(DT)(DA)(DC)(DA)(DC)(DC)(DA)(DA)(DC)(DG)(DT)(DG)(DA)(DC)(DC)(DT)(DA)(DT)(DC)(DC)
(DC)(DA)(DT)(DT)(DA)(DC)(DG)(DG)(DT)(DC)(DA)(DA)(DT)(DC)(DC)(DG)(DC)(DC)(DG)(DT)
(DT)(DT)(DG)(DT)(DT)(DC)(DC)(DC)(DA)(DC)(DG)(DG)(DA)(DG)(DA)(DA)(DT)(DC)(DC)(DG)
(DA)(DC)(DG)(DG)(DG)(DT)(DT)(DG)(DT)(DT)(DA)(DC)(DT)(DC)(DG)(DC)(DT)(DC)(DA)(DC)
(DA)(DT)(DT)(DT)(DA)(DA)(DT)(DG)(DT)(DT)(DG)(DA)(DT)(DG)(DA)(DA)(DA)(DG)(DC)(DT)
(DG)(DG)(DC)(DT)(DA)(DC)(DA)(DG)(DG)(DA)(DA)(DG)(DG)(DC)(DC)(DA)(DG)(DA)(DC)(DG)
(DC)(DG)(DA)(DA)(DT)(DT)(DA)(DT)(DT)(DT)(DT)(DT)(DG)(DA)(DT)(DG)(DG)(DC)(DG)(DT)
(DT)(DC)(DC)(DT)(DA)(DT)(DT)(DG)(DG)(DT)(DT)(DA)(DA)(DA)(DA)(DA)(DA)(DT)(DG)(DA)
(DG)(DC)(DT)(DG)(DA)(DT)(DT)(DT)(DA)(DA)(DC)(DA)(DA)(DA)(DA)(DA)(DT)(DT)(DT)(DA)
(DA)(DT)(DG)(DC)(DG)(DA)(DA)(DT)(DT)(DT)(DT)(DA)(DA)(DC)(DA)(DA)(DA)(DA)(DT)(DA)
(DT)(DT)(DA)(DA)(DC)(DG)(DT)(DT)(DT)(DA)(DC)(DA)(DA)(DT)(DT)(DT)(DA)(DA)(DA)(DT)
(DA)(DT)(DT)(DT)(DG)(DC)(DT)(DT)(DA)(DT)(DA)(DC)(DA)(DA)(DT)(DC)(DT)(DT)(DC)(DC)
(DT)(DG)(DT)(DT)(DT)(DT)(DT)(DG)(DG)(DG)(DG)(DC)(DT)(DT)(DT)(DT)(DC)(DT)(DG)(DA)
(DT)(DT)(DA)(DT)(DC)(DA)(DA)(DC)(DC)(DG)(DG)(DG)(DG)(DT)(DA)(DC)(DA)(DT)(DA)(DT)
(DG)(DA)(DT)(DT)(DG)(DA)(DC)(DA)(DT)(DG)(DC)(DT)(DA)(DG)(DT)(DT)(DT)(DT)(DA)(DC)
(DG)(DA)(DT)(DT)(DA)(DC)(DC)(DG)(DT)(DT)(DC)(DA)(DT)(DC)(DG)(DA)(DT)(DT)(DC)(DT)
(DC)(DT)(DT)(DG)(DT)(DT)(DT)(DG)(DC)(DT)(DC)(DC)(DA)(DG)(DA)(DC)(DT)(DC)(DT)(DC)
(DA)(DG)(DG)(DC)(DA)(DA)(DT)(DG)(DA)(DC)(DC)(DT)(DG)(DA)(DT)(DA)(DG)(DC)(DC)(DT)
(DT)(DT)(DG)(DT)(DA)(DG)(DA)(DT)(DC)(DT)(DC)(DT)(DC)(DA)(DA)(DA)(DA)(DA)(DT)(DA)
(DG)(DC)(DT)(DA)(DC)(DC)(DC)(DT)(DC)(DT)(DC)(DC)(DG)(DG)(DC)(DA)(DT)(DT)(DA)(DA)
(DT)(DT)(DT)(DA)(DT)(DC)(DA)(DG)(DC)(DT)(DA)(DG)(DA)(DA)(DC)(DG)(DG)(DT)(DT)(DG)
(DA)(DA)(DT)(DA)(DT)(DC)(DA)(DT)(DA)(DT)(DT)(DG)(DA)(DT)(DG)(DG)(DT)(DG)(DA)(DT)
(DT)(DT)(DG)(DA)(DC)(DT)(DG)(DT)(DC)(DT)(DC)(DC)(DG)(DG)(DC)(DC)(DT)(DT)(DT)(DC)
(DT)(DC)(DA)(DC)(DC)(DC)(DT)(DT)(DT)(DT)(DG)(DA)(DA)(DT)(DC)(DT)(DT)(DT)(DA)(DC)
(DC)(DT)(DA)(DC)(DA)(DC)(DA)(DT)(DT)(DA)(DC)(DT)(DC)(DA)(DG)(DG)(DC)(DA)(DT)(DT)
(DG)(DC)(DA)(DT)(DT)(DT)(DA)(DA)(DA)(DA)(DT)(DA)(DT)(DA)(DT)(DG)(DA)(DG)(DG)(DG)
(DT)(DT)(DC)(DT)(DA)(DA)(DA)(DA)(DA)(DT)(DT)(DT)(DT)(DT)(DA)(DT)(DC)(DC)(DT)(DT)
(DG)(DC)(DG)(DT)(DT)(DG)(DA)(DA)(DA)(DT)(DA)(DA)(DA)(DG)(DG)(DC)(DT)(DT)(DC)(DT)
(DC)(DC)(DC)(DG)(DC)(DA)(DA)(DA)(DA)(DG)(DT)(DA)(DT)(DT)(DA)(DC)(DA)(DG)(DG)(DG)
(DT)(DC)(DA)(DT)(DA)(DA)(DT)(DG)(DT)(DT)(DT)(DT)(DT)(DG)(DG)(DT)(DA)(DC)(DA)(DA)
(DC)(DC)(DG)(DA)(DT)(DT)(DT)(DA)(DG)(DC)(DT)(DT)(DT)(DA)(DT)(DG)(DC)(DT)(DC)(DT)
(DG)(DA)(DG)(DG)(DC)(DT)(DT)(DT)(DA)(DT)(DT)(DG)(DC)(DT)(DT)(DA)(DA)(DT)(DT)(DT)
(DT)(DG)(DC)(DT)(DA)(DA)(DT)(DT)(DC)(DT)(DT)(DT)(DG)(DC)(DC)(DT)(DT)(DG)(DC)(DC)
(DT)(DG)(DT)(DA)(DT)(DG)(DA)(DT)(DT)(DT)(DA)(DT)(DT)(DG)(DG)(DA)(DT)(DG)(DT)(DT)
(DA)(DA)(DT)(DG)(DC)(DT)(DA)(DC)(DT)(DA)(DC)(DT)(DA)(DT)(DT)(DA)(DG)(DT)(DA)(DG)
(DA)(DA)(DT)(DT)(DG)(DA)(DT)(DG)(DC)(DC)(DA)(DC)(DC)(DT)(DT)(DT)(DT)(DC)(DA)(DG)
(DC)(DT)(DC)(DG)(DC)(DG)(DC)(DC)(DC)(DC)(DA)(DA)(DA)(DT)(DG)(DA)(DA)(DA)(DA)(DT)
(DA)(DT)(DA)(DG)(DC)(DT)(DA)(DA)(DA)(DC)(DA)(DG)(DG)(DT)(DT)(DA)(DT)(DT)(DG)(DA)
(DC)(DC)(DA)(DT)(DT)(DT)(DG)(DC)(DG)(DA)(DA)(DA)(DT)(DG)(DT)(DA)(DT)(DC)(DT)(DA)
(DA)(DT)(DG)(DG)(DT)(DC)(DA)(DA)(DA)(DC)(DT)(DA)(DA)(DA)(DT)(DC)(DT)(DA)(DC)(DT)
(DC)(DG)(DT)(DT)(DC)(DG)(DC)(DA)(DG)(DA)(DA)(DT)(DT)(DG)(DG)(DG)(DA)(DA)(DT)(DC)
(DA)(DA)(DC)(DT)(DG)(DT)(DT)(DA)(DT)(DA)(DT)(DG)(DG)(DA)(DA)(DT)(DG)(DA)(DA)(DA)
(DC)(DT)(DT)(DC)(DC)(DA)(DG)(DA)(DC)(DA)(DC)(DC)(DG)(DT)(DA)(DC)(DT)(DT)(DT)(DA)
(DG)(DT)(DT)(DG)(DC)(DA)(DT)(DA)(DT)(DT)(DT)(DA)(DA)(DA)(DA)(DC)(DA)(DT)(DG)(DT)
(DT)(DG)(DA)(DG)(DC)(DT)(DA)(DC)(DA)(DG)(DC)(DA)(DT)(DT)(DA)(DT)(DA)(DT)(DT)(DC)
(DA)(DG)(DC)(DA)(DA)(DT)(DT)(DA)(DA)(DG)(DC)(DT)(DC)(DT)(DA)(DA)(DG)(DC)(DC)(DA)
(DT)(DC)(DC)(DG)(DC)(DA)(DA)(DA)(DA)(DA)(DT)(DG)(DA)(DC)(DC)(DT)(DC)(DT)(DT)(DA)
(DT)(DC)(DA)(DA)(DA)(DA)(DG)(DG)(DA)(DG)(DC)(DA)(DA)(DT)(DT)(DA)(DA)(DA)(DG)(DG)
(DT)(DA)(DC)(DT)(DC)(DT)(DC)(DT)(DA)(DA)(DT)(DC)(DC)(DT)(DG)(DA)(DC)(DC)(DT)(DG)
(DT)(DT)(DG)(DG)(DA)(DG)(DT)(DT)(DT)(DG)(DC)(DT)(DT)(DC)(DC)(DG)(DG)(DT)(DC)(DT)
(DG)(DG)(DT)(DT)(DC)(DG)(DC)(DT)(DT)(DT)(DG)(DA)(DA)(DG)(DC)(DT)(DC)(DG)(DA)(DA)
(DT)(DT)(DA)(DA)(DA)(DA)(DC)(DG)(DC)(DG)(DA)(DT)(DA)(DT)(DT)(DT)(DG)(DA)(DA)(DG)
(DT)(DC)(DT)(DT)(DT)(DC)(DG)(DG)(DG)(DC)(DT)(DT)(DC)(DC)(DT)(DC)(DT)(DT)(DA)(DA)
(DT)(DC)(DT)(DT)(DT)(DT)(DT)(DG)(DA)(DT)(DG)(DC)(DA)(DA)(DT)(DC)(DC)(DG)(DC)(DT)
(DT)(DT)(DG)(DC)(DT)(DT)(DC)(DT)(DG)(DA)(DC)(DT)(DA)(DT)(DA)(DA)(DT)(DA)(DG)(DT)
(DC)(DA)(DG)(DG)(DG)(DT)(DA)(DA)(DA)(DG)(DA)(DC)(DC)(DT)(DG)(DA)(DT)(DT)(DT)(DT)
(DT)(DG)(DA)(DT)(DT)(DT)(DA)(DT)(DG)(DG)(DT)(DC)(DA)(DT)(DT)(DC)(DT)(DC)(DG)(DT)
(DT)(DT)(DT)(DC)(DT)(DG)(DA)(DA)(DC)(DT)(DG)(DT)(DT)(DT)(DA)(DA)(DA)(DG)(DC)(DA)
(DT)(DT)(DT)(DG)(DA)(DG)(DG)(DG)(DG)(DG)(DA)(DT)(DT)(DC)(DA)(DA)(DT)(DG)(DA)(DA)
(DT)(DA)(DT)(DT)(DT)(DA)(DT)(DG)(DA)(DC)(DG)(DA)(DT)(DT)(DC)(DC)(DG)(DC)(DA)(DG)
(DT)(DA)(DT)(DT)(DG)(DG)(DA)(DC)(DG)(DC)(DT)(DA)(DT)(DC)(DC)(DA)(DG)(DT)(DC)(DT)
(DA)(DA)(DA)(DC)(DA)(DT)(DT)(DT)(DT)(DA)(DC)(DT)(DA)(DT)(DT)(DA)(DC)(DC)(DC)(DC)
(DC)(DT)(DC)(DT)(DG)(DG)(DC)(DA)(DA)(DA)(DA)(DC)(DT)(DT)(DC)(DT)(DT)(DT)(DT)(DG)
(DC)(DA)(DA)(DA)(DA)(DG)(DC)(DC)(DT)(DC)(DT)(DC)(DG)(DC)(DT)(DA)(DT)(DT)(DT)(DT)
(DG)(DG)(DT)(DT)(DT)(DT)(DT)(DA)(DT)(DC)(DG)(DT)(DC)(DG)(DT)(DC)(DT)(DG)(DG)(DT)
(DA)(DA)(DA)(DC)(DG)(DA)(DG)(DG)(DG)(DT)(DT)(DA)(DT)(DG)(DA)(DT)(DA)(DG)(DT)(DG)
(DT)(DT)(DG)(DC)(DT)(DC)(DT)(DT)(DA)(DC)(DT)(DA)(DT)(DG)(DC)(DC)(DT)(DC)(DG)(DT)
(DA)(DA)(DT)(DT)(DC)(DC)(DT)(DT)(DT)(DT)(DG)(DG)(DC)(DG)(DT)(DT)(DA)(DT)(DG)(DT)
(DA)(DT)(DC)(DT)(DG)(DC)(DA)(DT)(DT)(DA)(DG)(DT)(DT)(DG)(DA)(DA)(DT)(DG)(DT)(DG)
(DG)(DT)(DA)(DT)(DT)(DC)(DC)(DT)(DA)(DA)(DA)(DT)(DC)(DT)(DC)(DA)(DA)(DC)(DT)(DG)
(DA)(DT)(DG)(DA)(DA)(DT)(DC)(DT)(DT)(DT)(DC)(DT)(DA)(DC)(DC)(DT)(DG)(DT)(DA)(DA)
(DT)(DA)(DA)(DT)(DG)(DT)(DT)(DG)(DT)(DT)(DC)(DC)(DG)(DT)(DT)(DA)(DG)(DT)(DT)(DC)
(DG)(DT)(DT)(DT)(DT)(DA)(DT)(DT)(DA)(DA)(DC)(DG)(DT)(DA)(DG)(DA)(DT)(DT)(DT)(DT)
(DT)(DC)(DT)(DT)(DC)(DC)(DC)(DA)(DA)(DC)(DG)(DT)(DC)(DC)(DT)(DG)(DA)(DC)(DT)(DG)
(DG)(DT)(DA)(DT)(DA)(DA)(DT)(DG)(DA)(DG)(DC)(DC)(DA)(DG)(DT)(DT)(DC)(DT)(DT)(DA)
(DA)(DA)(DA)(DT)(DC)(DG)(DC)(DA)(DT)(DA)(DA)(DG)(DG)(DT)(DA)(DA)(DT)(DT)(DC)(DA)
(DC)(DA)(DA)(DT)(DG)(DA)(DT)(DT)(DA)(DA)(DA)(DG)(DT)(DT)(DG)(DA)(DA)(DA)(DT)(DT)
(DA)(DA)(DA)(DC)(DC)(DA)(DT)(DC)(DT)(DC)(DA)(DA)(DG)(DC)(DC)(DC)(DA)(DA)(DT)(DT)
(DT)(DA)(DC)(DT)(DA)(DC)(DT)(DC)(DG)(DT)(DT)(DC)(DT)(DG)(DG)(DT)(DG)(DT)(DT)(DT)
(DC)(DT)(DC)(DG)(DT)(DC)(DA)(DG)(DG)(DG)(DC)(DA)(DA)(DG)(DC)(DC)(DT)(DT)(DA)(DT)
(DT)(DC)(DA)(DC)(DT)(DG)(DA)(DA)(DT)(DG)(DA)(DG)(DC)(DA)(DG)(DC)(DT)(DT)(DT)(DG)
(DT)(DT)(DA)(DC)(DG)(DT)(DT)(DG)(DA)(DT)(DT)(DT)(DG)(DG)(DG)(DT)(DA)(DA)(DT)(DG)
(DA)(DA)(DT)(DA)(DT)(DC)(DC)(DG)(DG)(DT)(DT)(DC)(DT)(DT)(DG)(DT)(DC)(DA)(DA)(DG)
(DA)(DT)(DT)(DA)(DC)(DT)(DC)(DT)(DT)(DG)(DA)(DT)(DG)(DA)(DA)(DG)(DG)(DT)(DC)(DA)
(DG)(DC)(DC)(DA)(DG)(DC)(DC)(DT)(DA)(DT)(DG)(DC)(DG)(DC)(DC)(DT)(DG)(DG)(DT)(DC)
(DT)(DG)(DT)(DA)(DC)(DA)(DC)(DC)(DG)(DT)(DT)(DC)(DA)(DT)(DC)(DT)(DG)(DT)(DC)(DC)
(DT)(DC)(DT)(DT)(DT)(DC)(DA)(DA)(DA)(DG)(DT)(DT)(DG)(DG)(DT)(DC)(DA)(DG)(DT)(DT)
(DC)(DG)(DG)(DT)(DT)(DC)(DC)(DC)(DT)(DT)(DA)(DT)(DG)(DA)(DT)(DT)(DG)(DA)(DC)(DC)
(DG)(DT)(DC)(DT)(DG)(DC)(DG)(DC)(DC)(DT)(DC)(DG)(DT)(DT)(DC)(DC)(DG)(DG)(DC)(DT)
(DA)(DA)(DG)(DT)(DA)(DA)(DC)(DA)(DT)(DG)(DG)(DA)(DG)(DC)(DA)(DG)(DG)(DT)(DC)(DG)
(DC)(DG)(DG)(DA)(DT)(DT)(DT)(DC)(DG)(DA)(DC)(DA)(DC)(DA)(DA)(DT)(DT)(DT)(DA)(DT)
(DC)(DA)(DG)(DG)(DC)(DG)(DA)(DT)(DG)(DA)(DT)(DA)(DC)(DA)(DA)(DA)(DT)(DC)(DT)(DC)
(DC)(DG)(DT)(DT)(DG)(DT)(DA)(DC)(DT)(DT)(DT)(DG)(DT)(DT)(DT)(DC)(DG)(DC)(DG)(DC)
(DT)(DT)(DG)(DG)(DT)(DA)(DT)(DA)(DA)(DT)(DC)(DG)(DC)(DT)(DG)(DG)(DG)(DG)(DG)(DT)
(DC)(DA)(DA)(DA)(DG)(DA)(DT)(DG)(DA)(DG)(DT)(DG)(DT)(DT)(DT)(DT)(DA)(DG)(DT)(DG)
(DT)(DA)(DT)(DT)(DC)(DT)(DT)(DT)(DT)(DG)(DC)(DC)(DT)(DC)(DT)(DT)(DT)(DC)(DG)(DT)
(DT)(DT)(DT)(DA)(DG)(DG)(DT)(DT)(DG)(DG)(DT)(DG)(DC)(DC)(DT)(DT)(DC)(DG)(DT)(DA)
(DG)(DT)(DG)(DG)(DC)(DA)(DT)(DT)(DA)(DC)(DG)(DT)(DA)(DT)(DT)(DT)(DT)(DA)(DC)(DC)
(DC)(DG)(DT)(DT)(DT)(DA)(DA)(DT)(DG)(DG)(DA)(DA)(DA)(DC)(DT)(DT)(DC)(DC)(DT)(DC)
(DA)(DT)(DG)(DA)(DA)(DA)(DA)(DA)(DG)(DT)(DC)(DT)(DT)(DT)(DA)(DG)(DT)(DC)(DC)(DT)
(DC)(DA)(DA)(DA)(DG)(DC)(DC)(DT)(DC)(DT)(DG)(DT)(DA)(DG)(DC)(DC)(DG)(DT)(DT)(DG)
(DC)(DT)(DA)(DC)(DC)(DC)(DT)(DC)(DG)(DT)(DT)(DC)(DC)(DG)(DA)(DT)(DG)(DC)(DT)(DG)
(DT)(DC)(DT)(DT)(DT)(DC)(DG)(DC)(DT)(DG)(DC)(DT)(DG)(DA)(DG)(DG)(DG)(DT)(DG)(DA)
(DC)(DG)(DA)(DT)(DC)(DC)(DC)(DG)(DC)(DA)(DA)(DA)(DA)(DG)(DC)(DG)(DG)(DC)(DC)(DT)
(DT)(DT)(DA)(DA)(DC)(DT)(DC)(DC)(DC)(DT)(DG)(DC)(DA)(DA)(DG)(DC)(DC)(DT)(DC)(DA)
(DG)(DC)(DG)(DA)(DC)(DC)(DG)(DA)
;
AB
12 'polydeoxyribonucleotide' (DG)(DA)(DC)(DA)(DA)(DT)(DA)(DT)(DT)(DT)(DT)(DT)(DC)(DG)(DC)(DG)(DA)(DG) AC
13 'polydeoxyribonucleotide'
;(DT)(DA)(DA)(DT)(DC)(DA)(DG)(DT)(DA)(DG)(DC)(DG)(DA)(DC)(DA)(DT)(DA)(DG)(DT)(DA)
(DA)(DG)(DA)(DG)(DC)(DA)(DA)(DG)(DG)(DC)(DT)(DT)(DT)(DG)(DT)(DT)(DT)(DT)(DG)(DC)
;
AD
14 'polydeoxyribonucleotide'
;(DG)(DG)(DG)(DT)(DC)(DA)(DG)(DC)(DG)(DA)(DT)(DT)(DA)(DT)(DA)(DA)(DA)(DG)(DA)(DG)
(DG)(DC)(DA)(DA)(DA)(DA)(DG)(DA)(DA)(DA)(DC)(DG)(DG)(DC)(DT)(DA)(DT)(DC)(DG)(DT)
(DC)(DA)
;
B1
15 'polydeoxyribonucleotide' (DA)(DA)(DA)(DC)(DA)(DA)(DA)(DT)(DA)(DC)(DA)(DG)(DA)(DT)(DA)(DG)(DC)(DC) B2
16 'polydeoxyribonucleotide' (DA)(DG)(DA)(DT)(DT)(DA)(DA)(DG)(DA)(DT)(DT)(DG)(DG)(DG)(DT)(DT)(DA)(DT) B3
17 'polydeoxyribonucleotide' (DA)(DT)(DT)(DA)(DA)(DT)(DG)(DC)(DC)(DG)(DA)(DG)(DA)(DG)(DT)(DC)(DT)(DG) B4
18 'polydeoxyribonucleotide'
;(DT)(DC)(DG)(DC)(DC)(DC)(DA)(DG)(DC)(DA)(DG)(DG)(DG)(DA)(DG)(DA)(DC)(DT)(DT)(DT)
(DT)(DC)(DA)(DA)(DC)(DA)(DT)(DT)(DG)(DA)(DA)(DA)(DG)(DA)(DT)(DT)(DC)(DA)
;
B5
19 'polydeoxyribonucleotide'
;(DC)(DA)(DA)(DT)(DA)(DA)(DT)(DT)(DG)(DT)(DA)(DC)(DA)(DG)(DG)(DA)(DG)(DT)(DA)(DA)
(DT)(DC)(DT)(DT)
;
B6
20 'polydeoxyribonucleotide' (DT)(DT)(DA)(DC)(DG)(DC)(DC)(DA)(DG)(DT)(DT)(DT)(DC)(DC)(DC)(DA)(DG)(DT) B7
21 'polydeoxyribonucleotide'
;(DT)(DA)(DC)(DT)(DT)(DT)(DT)(DC)(DA)(DT)(DC)(DG)(DT)(DA)(DG)(DG)(DA)(DA)(DT)(DC)
(DA)(DT)(DT)(DT)(DA)(DG)(DT)
;
B8
22 'polydeoxyribonucleotide'
;(DA)(DT)(DT)(DG)(DC)(DC)(DT)(DG)(DG)(DA)(DG)(DA)(DG)(DG)(DC)(DC)(DG)(DT)(DT)(DC)
(DT)(DG)(DA)(DG)(DA)(DA)(DA)(DG)(DT)(DA)(DA)(DC)(DC)(DG)(DT)(DC)(DA)(DC)(DT)(DT)
(DG)(DC)(DC)(DT)(DG)(DA)(DG)(DT)(DA)(DG)(DA)(DA)(DG)(DA)
;
B9
23 'polydeoxyribonucleotide'
;(DG)(DT)(DT)(DC)(DC)(DG)(DA)(DA)(DA)(DT)(DC)(DG)(DG)(DC)(DA)(DA)(DA)(DT)(DA)(DC)
(DT)(DT)(DC)(DT)(DT)(DG)(DA)(DT)(DG)(DG)(DT)(DG)
;
BA
24 'polydeoxyribonucleotide'
;(DC)(DG)(DA)(DG)(DC)(DC)(DG)(DG)(DA)(DA)(DG)(DC)(DA)(DT)(DA)(DA)(DA)(DG)(DG)(DA)
(DA)(DA)(DG)(DG)(DA)(DC)(DC)(DT)(DT)(DG)(DT)(DA)(DA)(DA)(DG)(DC)(DC)
;
BC
25 'polydeoxyribonucleotide' (DA)(DC)(DG)(DA)(DC)(DG)(DA)(DT)(DA)(DA)(DA)(DA)(DG)(DT)(DA)(DA)(DA)(DA)(DT) BD
26 'polydeoxyribonucleotide'
;(DC)(DC)(DC)(DG)(DT)(DA)(DT)(DA)(DA)(DA)(DC)(DT)(DT)(DC)(DT)(DT)(DA)(DA)(DG)(DA)
(DT)(DA)(DT)(DT)(DC)(DA)(DC)
;
C1
27 'polydeoxyribonucleotide' (DG)(DG)(DC)(DT)(DG)(DA)(DC)(DC)(DT)(DA)(DA)(DC)(DA)(DA)(DA)(DG)(DC)(DT) C2
28 'polydeoxyribonucleotide'
;(DA)(DC)(DC)(DG)(DT)(DA)(DA)(DT)(DG)(DG)(DG)(DA)(DA)(DG)(DG)(DG)(DG)(DA)(DC)(DG)
(DA)
;
C3
29 'polydeoxyribonucleotide'
;(DT)(DT)(DG)(DA)(DA)(DA)(DA)(DT)(DA)(DG)(DA)(DA)(DA)(DC)(DA)(DG)(DT)(DA)(DC)(DA)
(DA)(DA)(DC)(DT)(DA)(DC)(DA)(DA)(DA)(DT)(DA)(DG)(DG)(DA)(DG)(DA)(DT)(DA)(DA)(DG)
(DT)(DG)
;
C5
30 'polydeoxyribonucleotide'
;(DA)(DA)(DG)(DT)(DA)(DA)(DG)(DA)(DA)(DT)(DC)(DC)(DT)(DC)(DT)(DG)(DG)(DC)(DC)(DT)
(DT)(DA)(DC)(DA)(DG)(DC)(DT)(DT)(DC)(DA)(DG)(DC)(DG)(DA)(DA)(DG)(DG)(DA)(DA)(DC)
(DG)(DA)(DG)(DG)(DG)
;
C6
31 'polydeoxyribonucleotide'
;(DA)(DA)(DG)(DT)(DT)(DC)(DT)(DT)(DA)(DA)(DT)(DT)(DG)(DT)(DG)(DT)(DC)(DT)(DG)(DG)
(DA)(DA)(DG)(DT)(DA)(DT)(DT)(DT)(DT)(DG)(DC)(DA)(DC)
;
C7
32 'polydeoxyribonucleotide'
;(DA)(DT)(DA)(DG)(DC)(DA)(DA)(DG)(DC)(DA)(DT)(DT)(DT)(DT)(DG)(DA)(DA)(DG)(DG)(DA)
(DA)(DC)(DC)(DA)(DG)(DC)(DC)(DG)(DC)(DC)(DA)(DG)(DA)(DC)(DA)(DG)(DG)(DA)(DG)(DC)
(DA)(DG)(DT)(DC)(DT)(DG)(DG)(DC)(DT)(DT)(DT)(DT)(DG)(DA)
;
C8
33 'polydeoxyribonucleotide'
;(DG)(DG)(DT)(DC)(DC)(DG)(DA)(DT)(DG)(DA)(DA)(DC)(DG)(DG)(DT)(DA)(DA)(DT)(DC)(DG)
(DT)(DA)(DA)(DA)(DA)(DT)(DT)
;
C9
34 'polydeoxyribonucleotide' (DT)(DA)(DT)(DA)(DA)(DT)(DA)(DA)(DA)(DA)(DG)(DA)(DG)(DT)(DC)(DT)(DG)(DT)(DC) CA
35 'polydeoxyribonucleotide'
;(DT)(DA)(DG)(DA)(DA)(DC)(DC)(DC)(DT)(DT)(DC)(DT)(DC)(DG)(DT)(DA)(DA)(DG)(DA)(DA)
(DT)(DA)(DC)(DG)(DT)(DG)(DG)(DC)(DA)(DC)(DA)
;
CC
36 'polydeoxyribonucleotide'
;(DC)(DA)(DG)(DA)(DG)(DG)(DG)(DT)(DC)(DA)(DC)(DC)(DA)(DG)(DA)(DT)(DT)(DT)(DG)(DT)
(DA)(DT)(DC)(DA)(DT)(DC)
;
CD
37 'polydeoxyribonucleotide'
;(DC)(DT)(DA)(DT)(DT)(DA)(DT)(DC)(DC)(DC)(DG)(DG)(DA)(DA)(DG)(DA)(DG)(DC)(DC)(DA)
(DC)(DC)(DA)(DC)(DC)(DC)(DT)(DC)(DC)(DA)(DG)(DC)(DC)(DC)(DT)(DG)(DC)(DT)(DA)(DA)
(DA)(DC)
;
D1
38 'polydeoxyribonucleotide' (DG)(DA)(DC)(DA)(DA)(DG)(DA)(DA)(DC)(DA)(DG)(DC)(DC)(DG)(DC)(DC)(DG)(DC) D2
39 'polydeoxyribonucleotide'
;(DT)(DG)(DG)(DT)(DT)(DC)(DT)(DC)(DC)(DG)(DT)(DT)(DC)(DA)(DA)(DA)(DT)(DA)(DA)(DG)
(DA)(DT)(DT)(DA)(DA)(DG)(DA)(DG)(DG)(DA)(DA)(DG)(DC)(DC)
;
D3
40 'polydeoxyribonucleotide'
;(DC)(DG)(DA)(DA)(DT)(DA)(DA)(DT)(DA)(DA)(DT)(DT)(DA)(DG)(DG)(DA)(DT)(DT)(DA)(DG)
(DC)
;
D5
41 'polydeoxyribonucleotide'
;(DG)(DA)(DG)(DC)(DG)(DC)(DT)(DA)(DG)(DA)(DA)(DA)(DC)(DA)(DA)(DC)(DT)(DG)(DG)(DC)
(DA)(DC)(DA)(DA)(DA)(DC)(DG)(DT)(DA)(DA)(DT)(DA)(DG)(DT)(DG)(DC)(DT)(DT)(DT)(DT)
(DT)(DA)(DA)(DC)(DC)(DT)
;
D6
42 'polydeoxyribonucleotide'
;(DT)(DA)(DA)(DG)(DT)(DT)(DG)(DG)(DG)(DT)(DA)(DA)(DC)(DG)(DG)(DA)(DC)(DG)(DG)(DC)
(DC)
;
D7
43 'polydeoxyribonucleotide'
;(DT)(DA)(DT)(DA)(DG)(DA)(DA)(DG)(DG)(DC)(DT)(DT)(DA)(DT)(DA)(DA)(DC)(DC)(DT)(DC)
(DC)(DA)(DC)(DC)(DG)(DC)(DC)(DT)(DC)(DT)(DC)(DA)(DG)(DA)(DG)(DA)(DG)(DA)(DC)(DG)
(DA)(DT)(DA)(DT)(DT)(DA)
;
D8
44 'polydeoxyribonucleotide'
;(DC)(DA)(DA)(DC)(DA)(DT)(DG)(DT)(DA)(DC)(DT)(DA)(DC)(DA)(DA)(DA)(DG)(DG)(DC)(DT)
(DA)(DA)(DG)(DG)(DA)(DG)(DG)(DC)(DC)(DG)
;
D9
45 'polydeoxyribonucleotide'
;(DA)(DT)(DC)(DA)(DG)(DT)(DG)(DA)(DG)(DG)(DC)(DC)(DA)(DC)(DC)(DG)(DA)(DG)(DA)(DT)
(DC)(DA)(DA)
;
DA
46 'polydeoxyribonucleotide' (DT)(DG)(DA)(DG)(DC)(DT)(DA)(DA)(DC)(DG)(DT)(DG)(DC)(DC)(DA)(DG)(DC)(DT) DC
47 'polydeoxyribonucleotide'
;(DC)(DG)(DT)(DC)(DA)(DC)(DC)(DA)(DA)(DT)(DG)(DA)(DA)(DA)(DC)(DC)(DA)(DT)(DA)(DA)
(DG)(DA)(DA)(DT)(DG)(DC)(DA)(DA)(DC)(DG)(DA)(DT)(DA)(DG)(DC)(DA)(DG)(DC)(DA)(DC)
(DC)(DG)
;
DD
48 'polydeoxyribonucleotide'
;(DT)(DC)(DA)(DA)(DG)(DA)(DG)(DC)(DC)(DA)(DG)(DG)(DC)(DG)(DA)(DC)(DC)(DC)(DA)(DT)
(DG)(DT)(DA)(DC)(DC)(DG)(DT)(DA)(DA)(DC)(DA)(DC)(DT)
;
E1
49 'polydeoxyribonucleotide'
;(DC)(DC)(DA)(DG)(DC)(DG)(DG)(DA)(DT)(DA)(DT)(DT)(DC)(DA)(DT)(DT)(DG)(DT)(DC)(DA)
(DT)(DT)(DT)(DC)(DT)(DT)(DA)(DG)(DA)(DG)(DT)(DG)(DA)(DG)(DT)(DA)(DA)(DC)(DC)(DG)
(DA)(DA)(DC)
;
E2
50 'polydeoxyribonucleotide' (DG)(DG)(DC)(DG)(DC)(DA)(DT)(DT)(DA)(DA)(DT)(DT)(DA)(DA)(DC)(DA)(DA)(DA)(DA) E3
51 'polydeoxyribonucleotide'
;(DT)(DC)(DG)(DG)(DT)(DC)(DG)(DC)(DT)(DT)(DA)(DG)(DT)(DA)(DA)(DA)(DT)(DT)(DG)(DG)
(DG)(DC)(DT)(DG)(DA)(DA)(DT)(DT)(DA)(DC)
;
E5
52 'polydeoxyribonucleotide'
;(DT)(DT)(DA)(DG)(DA)(DC)(DG)(DA)(DA)(DT)(DA)(DA)(DC)(DA)(DC)(DG)(DC)(DC)(DA)(DC)
(DC)(DC)(DC)(DC)(DT)(DC)(DA)(DG)(DA)(DG)(DC)(DC)(DG)(DC)(DC)(DA)(DC)
;
E6
53 'polydeoxyribonucleotide'
;(DG)(DT)(DT)(DA)(DT)(DT)(DA)(DA)(DT)(DT)(DG)(DC)(DG)(DA)(DT)(DG)(DC)(DA)(DA)(DG)
(DT)(DT)(DA)(DA)
;
E7
54 'polydeoxyribonucleotide'
;(DG)(DC)(DT)(DA)(DT)(DA)(DT)(DT)(DT)(DT)(DC)(DA)(DT)(DC)(DT)(DA)(DC)(DT)(DA)(DT)
(DT)(DG)(DC)(DG)(DC)(DT)(DT)(DT)(DT)(DC)(DC)(DA)(DG)
;
E8
55 'polydeoxyribonucleotide'
;(DT)(DT)(DA)(DA)(DT)(DT)(DG)(DA)(DG)(DA)(DA)(DT)(DC)(DG)(DC)(DC)(DC)(DG)(DC)(DT)
(DC)(DA)(DA)(DT)(DG)(DA)(DA)(DT)(DT)(DA)(DA)(DT)(DT)(DG)(DA)(DC)(DG)(DA)(DG)(DT)
(DG)
;
E9
56 'polydeoxyribonucleotide' (DG)(DT)(DT)(DG)(DA)(DG)(DT)(DG)(DT)(DT)(DG)(DT)(DT)(DC)(DC)(DG)(DC)(DC)(DA) EA
57 'polydeoxyribonucleotide'
;(DT)(DC)(DA)(DC)(DA)(DT)(DT)(DT)(DG)(DG)(DG)(DG)(DT)(DG)(DC)(DC)(DT)(DA)(DA)(DT)
(DG)(DA)(DG)
;
EC
58 'polydeoxyribonucleotide'
;(DT)(DA)(DG)(DC)(DG)(DT)(DC)(DC)(DA)(DA)(DT)(DA)(DC)(DT)(DG)(DA)(DG)(DC)(DC)(DA)
(DA)(DT)(DT)(DA)(DG)(DC)(DG)(DG)(DA)(DA)(DT)(DC)(DG)(DT)(DC)(DA)(DT)(DA)
;
ED
59 'polydeoxyribonucleotide' (DC)(DG)(DA)(DG)(DA)(DT)(DC)(DC)(DC)(DC)(DC)(DT)(DC)(DA)(DA)(DA)(DC)(DG)(DA)(DT) F1
60 'polydeoxyribonucleotide'
;(DC)(DC)(DA)(DC)(DG)(DC)(DC)(DT)(DT)(DT)(DA)(DG)(DC)(DC)(DA)(DT)(DA)(DT)(DG)(DG)
(DA)(DG)(DC)(DG)(DG)(DA)(DG)(DA)(DC)(DT)(DT)(DT)(DA)(DC)(DA)
;
F2
61 'polydeoxyribonucleotide'
;(DC)(DA)(DT)(DC)(DT)(DG)(DC)(DA)(DG)(DG)(DA)(DA)(DG)(DA)(DG)(DC)(DG)(DA)(DA)(DC)
(DC)(DA)(DG)(DA)(DC)(DC)
;
F3
62 'polydeoxyribonucleotide'
;(DA)(DA)(DG)(DC)(DA)(DT)(DC)(DT)(DT)(DT)(DA)(DA)(DT)(DC)(DA)(DC)(DC)(DG)(DC)(DC)
(DT)(DT)(DA)(DA)(DC)(DA)(DA)(DT)(DT)(DT)(DT)(DT)(DC)(DA)(DA)(DT)(DA)(DT)(DA)(DT)
(DA)(DT)(DC)(DT)(DT)(DT)(DA)(DG)
;
F5
63 'polydeoxyribonucleotide' (DG)(DG)(DA)(DA)(DG)(DC)(DG)(DC)(DA)(DA)(DC)(DA)(DG)(DT)(DA)(DA)(DC)(DA) F6
64 'polydeoxyribonucleotide'
;(DA)(DA)(DA)(DT)(DA)(DT)(DC)(DT)(DA)(DA)(DA)(DC)(DT)(DG)(DG)(DT)(DC)(DA)(DG)(DG)
(DT)(DC)(DA)(DG)(DT)(DA)(DT)(DT)(DA)
;
F7
65 'polydeoxyribonucleotide' (DC)(DT)(DG)(DC)(DT)(DC)(DA)(DT)(DC)(DC)(DG)(DC)(DA)(DA)(DA)(DA)(DA)(DG) F8
66 'polydeoxyribonucleotide' (DG)(DA)(DG)(DC)(DA)(DA)(DA)(DC)(DA)(DC)(DG)(DG)(DT)(DT)(DG)(DA)(DT)(DA) F9
67 'polydeoxyribonucleotide'
;(DG)(DA)(DG)(DA)(DA)(DG)(DT)(DT)(DA)(DT)(DT)(DC)(DA)(DA)(DG)(DT)(DA)(DG)(DC)(DT)
(DA)(DG)(DT)(DT)(DT)(DA)(DG)(DA)(DC)(DT)(DG)(DG)(DA)
;
FA
68 'polydeoxyribonucleotide' (DA)(DA)(DT)(DT)(DG)(DC)(DG)(DA)(DT)(DA)(DG)(DT)(DA)(DG)(DT)(DA)(DG)(DC)(DA) FC
69 'polydeoxyribonucleotide'
;(DA)(DG)(DC)(DA)(DA)(DA)(DA)(DG)(DG)(DT)(DA)(DA)(DT)(DA)(DA)(DC)(DC)(DA)(DA)(DA)
(DA)(DT)(DA)(DA)(DA)(DG)(DT)(DA)(DC)(DA)(DG)(DC)(DT)(DA)(DA)(DT)(DG)(DC)(DA)(DG)
(DA)(DA)(DC)(DG)(DC)(DG)(DC)
;
FD
70 'polydeoxyribonucleotide' (DT)(DA)(DC)(DT)(DG)(DG)(DC)(DG)(DA)(DC)(DA)(DA)(DT)(DC)(DC)(DG)(DT)(DA)(DA) G1
71 'polydeoxyribonucleotide' (DC)(DC)(DT)(DC)(DA)(DG)(DA)(DA)(DC)(DT)(DA)(DA)(DA)(DA)(DA)(DC)(DA)(DG) G2
72 'polydeoxyribonucleotide'
;(DT)(DC)(DT)(DG)(DT)(DA)(DA)(DA)(DT)(DC)(DG)(DT)(DC)(DG)(DC)(DT)(DA)(DT)(DC)(DG)
(DT)(DA)(DA)(DC)(DC)(DG)(DT)(DG)
;
G3
73 'polydeoxyribonucleotide'
;(DC)(DC)(DC)(DT)(DC)(DA)(DG)(DG)(DA)(DT)(DA)(DC)(DC)(DG)(DA)(DG)(DT)(DA)(DA)(DC)
(DA)(DG)(DT)(DG)
;
G5
74 'polydeoxyribonucleotide'
;(DG)(DA)(DG)(DA)(DG)(DT)(DA)(DC)(DC)(DT)(DT)(DT)(DA)(DA)(DT)(DT)(DG)(DC)(DT)(DA)
(DT)(DA)(DA)(DT)(DG)(DC)(DA)(DT)(DG)(DT)(DG)(DC)(DT)
;
G6
75 'polydeoxyribonucleotide'
;(DA)(DA)(DC)(DA)(DA)(DC)(DT)(DA)(DA)(DC)(DA)(DT)(DA)(DT)(DC)(DA)(DA)(DA)(DC)(DA)
(DA)(DC)(DA)(DG)(DT)(DG)(DC)(DC)(DA)
;
G7
76 'polydeoxyribonucleotide'
;(DG)(DT)(DG)(DG)(DA)(DG)(DG)(DC)(DA)(DA)(DA)(DG)(DA)(DC)(DG)(DT)(DT)(DG)(DG)(DG)
(DA)(DA)(DG)
;
G8
77 'polydeoxyribonucleotide' (DC)(DT)(DT)(DA)(DC)(DT)(DT)(DG)(DA)(DG)(DC)(DC)(DA)(DT)(DT)(DT)(DG)(DG)(DG) G9
78 'polydeoxyribonucleotide' (DC)(DG)(DG)(DT)(DA)(DC)(DA)(DG)(DT)(DT)(DT)(DG)(DG)(DA)(DA)(DC)(DA)(DA)(DG) GA
79 'polydeoxyribonucleotide'
;(DT)(DC)(DG)(DG)(DG)(DA)(DA)(DC)(DA)(DA)(DC)(DG)(DC)(DG)(DT)(DC)(DG)(DG)(DT)(DT)
(DG)(DT)(DA)(DC)(DC)(DA)
;
GC
80 'polydeoxyribonucleotide' (DC)(DA)(DT)(DT)(DA)(DA)(DA)(DG)(DG)(DC)(DA)(DG)(DT)(DA)(DG)(DG)(DG)(DC) GD
81 'polydeoxyribonucleotide' (DT)(DG)(DA)(DT)(DA)(DC)(DA)(DG)(DG)(DG)(DA)(DA)(DA)(DT)(DT)(DA)(DT)(DT) H1
82 'polydeoxyribonucleotide'
;(DG)(DC)(DT)(DC)(DA)(DT)(DT)(DC)(DA)(DG)(DA)(DT)(DT)(DC)(DC)(DC)(DG)(DC)(DA)(DA)
(DC)(DT)(DA)(DT)(DC)(DG)(DA)(DC)(DT)(DC)(DA)(DG)(DT)(DG)(DC)(DC)(DA)(DA)(DG)(DC)
(DT)(DT)(DG)(DC)(DA)(DT)(DA)(DA)(DA)(DG)(DG)
;
H2
83 'polydeoxyribonucleotide'
;(DC)(DC)(DT)(DT)(DG)(DC)(DT)(DT)(DT)(DA)(DG)(DA)(DA)(DT)(DC)(DC)(DT)(DT)(DG)(DA)
(DA)(DA)(DA)(DG)(DA)(DG)(DT)(DC)(DA)(DG)(DA)(DA)(DA)(DA)(DT)(DC)(DG)(DC)(DA)(DA)
(DA)(DG)
;
H3
84 'polydeoxyribonucleotide'
;(DA)(DC)(DG)(DT)(DT)(DG)(DG)(DT)(DG)(DA)(DA)(DT)(DA)(DG)(DT)(DT)(DA)(DA)(DT)(DG)
(DC)(DC)(DC)(DC)(DC)(DT)(DT)(DA)(DC)(DT)(DC)(DA)(DG)(DC)(DC)(DC)(DT)(DC)(DA)(DG)
;
H5
85 'polydeoxyribonucleotide'
;(DA)(DT)(DA)(DA)(DG)(DA)(DG)(DA)(DC)(DC)(DC)(DA)(DA)(DA)(DA)(DG)(DG)(DC)(DT)(DT)
(DG)(DC)(DC)(DC)(DT)(DG)(DA)(DC)(DG)(DA)(DG)(DA)(DA)(DA)(DC)
;
H6
86 'polydeoxyribonucleotide' (DA)(DC)(DA)(DT)(DT)(DT)(DG)(DA)(DG)(DG)(DA)(DT)(DT)(DT)(DA)(DG)(DG)(DC)(DC)(DG) H7
87 'polydeoxyribonucleotide'
;(DT)(DT)(DA)(DA)(DA)(DC)(DC)(DA)(DA)(DG)(DT)(DA)(DC)(DG)(DA)(DG)(DA)(DA)(DC)(DA)
(DA)
;
H8
88 'polydeoxyribonucleotide'
;(DA)(DT)(DA)(DT)(DC)(DA)(DT)(DA)(DT)(DG)(DG)(DC)(DT)(DG)(DC)(DG)(DC)(DA)(DC)(DG)
(DG)(DG)(DG)(DA)(DA)(DA)(DG)(DC)(DC)(DG)(DG)
;
H9
89 'polydeoxyribonucleotide'
;(DA)(DT)(DT)(DA)(DA)(DA)(DG)(DG)(DG)(DA)(DT)(DT)(DT)(DT)(DA)(DG)(DA)(DC)(DA)(DG)
(DG)(DA)(DA)(DG)(DA)(DA)(DT)(DC)(DC)(DT)
;
HA
90 'polydeoxyribonucleotide'
;(DC)(DT)(DG)(DG)(DC)(DC)(DA)(DC)(DC)(DC)(DG)(DC)(DC)(DA)(DC)(DT)(DG)(DA)(DC)(DA)
(DG)(DA)(DG)(DA)
;
HC
91 'polydeoxyribonucleotide'
;(DA)(DA)(DT)(DA)(DT)(DT)(DC)(DA)(DT)(DT)(DG)(DA)(DG)(DC)(DG)(DC)(DA)(DG)(DA)(DC)
(DG)(DG)(DT)(DC)
;
HD
92 'polydeoxyribonucleotide'
;(DA)(DA)(DT)(DC)(DA)(DT)(DA)(DA)(DG)(DG)(DG)(DA)(DG)(DC)(DA)(DT)(DA)(DG)(DG)(DC)
(DT)
;
I1
93 'polydeoxyribonucleotide'
;(DA)(DC)(DA)(DT)(DC)(DA)(DA)(DT)(DC)(DA)(DT)(DA)(DC)(DA)(DG)(DA)(DA)(DC)(DG)(DA)
(DG)(DG)(DA)(DG)(DG)(DC)(DT)(DT)(DC)(DG)(DC)(DA)(DT)(DA)(DA)(DG)(DT)(DG)(DT)(DC)
(DG)(DA)(DC)(DT)(DG)(DC)(DT)(DC)(DC)
;
I2
94 'polydeoxyribonucleotide'
;(DA)(DG)(DT)(DA)(DC)(DA)(DT)(DA)(DA)(DA)(DC)(DA)(DT)(DC)(DA)(DA)(DG)(DA)(DC)(DG)
(DC)(DA)(DA)(DT)(DT)(DA)(DC)(DC)(DG)(DA)(DA)(DG)(DG)(DA)(DA)(DA)(DG)(DC)(DG)(DG)
(DT)(DT)(DG)(DA)(DG)(DC)(DG)(DC)(DC)(DG)(DA)(DC)(DT)(DT)(DG)(DC)(DG)(DG)(DG)
;
I3
95 'polydeoxyribonucleotide'
;(DA)(DA)(DC)(DT)(DT)(DT)(DC)(DA)(DA)(DA)(DG)(DG)(DA)(DG)(DC)(DA)(DT)(DG)(DA)(DA)
(DA)(DG)(DT)(DA)(DT)(DT)(DA)(DA)(DA)(DG)(DA)(DG)(DG)(DG)(DT)(DG)(DG)(DG)(DA)(DT)
(DA)(DG)
;
I5
96 'polydeoxyribonucleotide' (DT)(DT)(DG)(DC)(DG)(DT)(DT)(DT)(DT)(DG)(DT)(DT)(DT)(DA)(DC)(DA)(DC)(DC)(DA) I6
97 'polydeoxyribonucleotide'
;(DC)(DA)(DC)(DG)(DA)(DC)(DG)(DT)(DT)(DG)(DT)(DA)(DA)(DA)(DA)(DC)(DC)(DC)(DA)(DG)
(DG)(DG)(DT)(DC)(DT)(DG)(DG)(DC)(DG)(DA)
;
I7
98 'polydeoxyribonucleotide'
;(DT)(DT)(DA)(DA)(DC)(DA)(DT)(DC)(DC)(DA)(DA)(DT)(DA)(DA)(DA)(DT)(DC)(DA)(DT)(DA)
(DG)(DC)(DT)(DA)(DA)(DA)(DC)(DG)(DG)(DG)(DG)(DA)(DG)(DC)(DG)(DT)(DA)(DT)(DT)(DG)
;
I8
99 'polydeoxyribonucleotide'
;(DT)(DA)(DC)(DA)(DA)(DA)(DC)(DT)(DA)(DG)(DC)(DA)(DT)(DG)(DT)(DC)(DG)(DC)(DT)(DG)
(DG)(DC)(DA)(DG)(DG)(DC)(DG)(DA)(DG)(DA)
;
I9
100 'polydeoxyribonucleotide' (DA)(DG)(DT)(DC)(DC)(DA)(DC)(DT)(DA)(DT)(DT)(DA)(DA)(DA)(DA)(DT)(DC)(DA)(DG) IA
101 'polydeoxyribonucleotide'
;(DG)(DC)(DA)(DT)(DT)(DA)(DA)(DT)(DG)(DA)(DA)(DT)(DC)(DG)(DG)(DC)(DA)(DC)(DC)(DT)
(DG)(DT)(DC)
;
IC
102 'polydeoxyribonucleotide'
;(DT)(DG)(DA)(DG)(DG)(DA)(DT)(DG)(DT)(DT)(DA)(DC)(DC)(DT)(DT)(DT)(DG)(DA)(DA)(DA)
(DG)(DA)(DG)(DG)(DA)(DG)(DT)(DA)(DA)(DG)(DC)(DG)(DT)
;
ID
103 'polydeoxyribonucleotide'
;(DA)(DC)(DC)(DG)(DA)(DA)(DC)(DG)(DG)(DA)(DT)(DT)(DG)(DC)(DA)(DT)(DC)(DA)(DA)(DA)
(DA)(DT)(DC)(DG)(DC)(DG)(DT)(DT)
;
J1
104 'polydeoxyribonucleotide'
;(DG)(DA)(DG)(DC)(DC)(DA)(DC)(DC)(DA)(DC)(DC)(DG)(DG)(DA)(DC)(DG)(DA)(DC)(DT)(DT)
(DG)(DC)(DA)(DA)(DC)(DG)(DC)(DT)(DC)(DC)(DT)(DC)(DA)(DA)(DA)(DA)(DC)(DT)(DA)(DA)
(DT)(DA)
;
J2
105 'polydeoxyribonucleotide'
;(DA)(DT)(DT)(DT)(DG)(DA)(DA)(DT)(DT)(DA)(DC)(DC)(DT)(DT)(DT)(DT)(DT)(DA)(DC)(DA)
(DT)(DT)(DT)(DT)(DA)(DC)(DC)(DA)(DG)(DA)
;
J3
106 'polydeoxyribonucleotide'
;(DA)(DC)(DA)(DG)(DA)(DG)(DG)(DC)(DT)(DT)(DT)(DG)(DA)(DG)(DT)(DA)(DA)(DA)(DA)(DC)
(DG)(DA)(DC)(DC)(DA)(DA)(DG)(DC)(DG)(DG)(DC)(DC)(DG)(DG)(DA)(DA)(DA)
;
J5
107 'polydeoxyribonucleotide'
;(DC)(DC)(DC)(DA)(DA)(DT)(DC)(DA)(DA)(DA)(DT)(DG)(DA)(DA)(DG)(DA)(DA)(DC)(DA)(DA)
(DA)(DG)(DC)(DT)(DA)(DT)(DC)(DT)(DA)(DA)(DT)(DA)(DA)(DC)(DG)(DT)(DA)(DA)(DA)(DG)
(DG)(DT)(DG)(DG)
;
J6
108 'polydeoxyribonucleotide'
;(DA)(DA)(DT)(DT)(DG)(DA)(DG)(DG)(DA)(DA)(DG)(DG)(DT)(DT)(DC)(DC)(DT)(DT)(DT)(DG)
(DC)(DC)(DA)(DT)(DT)(DA)(DT)(DC)(DT)(DG)(DG)(DA)(DA)(DG)(DG)(DG)(DT)(DA)(DA)(DA)
(DA)(DC)(DT)(DT)(DA)(DC)(DA)(DA)(DA)(DC)(DC)(DT)(DG)(DA)(DG)(DC)
;
J7
109 'polydeoxyribonucleotide'
;(DA)(DG)(DC)(DA)(DT)(DA)(DA)(DA)(DC)(DA)(DG)(DG)(DC)(DA)(DC)(DA)(DT)(DC)(DA)(DA)
(DT)(DT)(DT)(DT)(DG)(DG)(DG)(DG)(DG)(DA)(DA)(DT)(DG)(DG)(DC)(DT)(DA)(DA)(DT)(DG)
(DC)(DG)(DC)(DG)(DA)(DA)(DC)(DT)(DG)(DA)(DT)(DA)(DG)(DC)
;
J8
110 'polydeoxyribonucleotide' (DT)(DA)(DC)(DT)(DA)(DG)(DA)(DA)(DA)(DC)(DG)(DC)(DC)(DG)(DC)(DG)(DC)(DT) J9
111 'polydeoxyribonucleotide' (DT)(DT)(DA)(DG)(DA)(DG)(DA)(DA)(DC)(DG)(DT)(DG)(DG)(DA)(DC)(DT)(DC)(DC)(DA) JA
112 'polydeoxyribonucleotide'
;(DG)(DG)(DC)(DG)(DC)(DC)(DA)(DA)(DA)(DC)(DA)(DG)(DC)(DT)(DT)(DA)(DT)(DA)(DT)(DT)
(DT)(DT)(DA)(DA)(DA)(DT)
;
JC
113 'polydeoxyribonucleotide'
;(DG)(DA)(DG)(DG)(DG)(DA)(DA)(DA)(DA)(DG)(DG)(DG)(DC)(DG)(DT)(DT)(DA)(DA)(DA)(DT)
(DA)(DT)(DA)(DC)(DC)(DG)(DA)(DC)(DT)(DG)(DC)(DC)(DG)(DT)(DA)(DA)(DA)(DG)
;
JD
114 'polydeoxyribonucleotide'
;(DC)(DA)(DT)(DA)(DC)(DA)(DT)(DC)(DT)(DG)(DA)(DA)(DT)(DT)(DA)(DG)(DC)(DA)(DA)(DT)
(DA)(DG)(DT)(DC)(DA)(DG)(DA)(DG)(DA)(DA)(DG)(DA)(DA)(DA)(DT)(DA)(DT)(DA)(DC)(DT)
(DT)(DC)(DT)(DG)(DA)
;
K1
115 'polydeoxyribonucleotide'
;(DA)(DT)(DT)(DA)(DG)(DC)(DG)(DT)(DT)(DT)(DG)(DC)(DG)(DC)(DC)(DG)(DC)(DT)(DT)(DA)
(DA)(DT)(DG)(DA)(DC)(DA)(DT)(DT)(DT)(DA)(DA)(DC)(DG)
;
K2
116 'polydeoxyribonucleotide' (DC)(DG)(DA)(DC)(DA)(DG)(DT)(DA)(DT)(DC)(DG)(DG)(DA)(DA)(DA)(DC)(DC)(DA) K3
117 'polydeoxyribonucleotide'
;(DT)(DA)(DG)(DC)(DA)(DT)(DA)(DC)(DA)(DC)(DT)(DT)(DC)(DT)(DT)(DT)(DG)(DA)(DC)(DC)
(DC)(DC)(DC)(DA)(DG)(DT)(DG)(DC)(DC)(DT)(DT)(DG)(DA)(DT)(DA)(DG)(DT)(DT)(DG)(DG)
(DC)(DA)(DG)(DG)(DT)(DC)(DC)(DC)(DA)
;
K5
118 'polydeoxyribonucleotide' (DA)(DT)(DT)(DT)(DG)(DC)(DC)(DA)(DG)(DT)(DC)(DC)(DT)(DG)(DA)(DT)(DT)(DA) K6
119 'polydeoxyribonucleotide'
;(DG)(DA)(DG)(DC)(DA)(DT)(DT)(DC)(DG)(DA)(DC)(DA)(DG)(DA)(DA)(DA)(DC)(DC)(DT)(DT)
(DG)(DG)(DA)(DT)(DT)(DT)(DG)(DC)(DG)(DT)(DA)(DG)(DC)(DT)(DG)(DA)(DT)(DT)(DG)(DC)
(DT)(DT)(DT)
;
K7
120 'polydeoxyribonucleotide'
;(DT)(DC)(DA)(DG)(DT)(DG)(DC)(DG)(DG)(DG)(DA)(DT)(DA)(DC)(DC)(DA)(DC)(DA)(DT)(DT)
(DC)(DA)(DA)
;
K8
121 'polydeoxyribonucleotide'
;(DA)(DT)(DC)(DA)(DG)(DA)(DA)(DA)(DA)(DT)(DA)(DT)(DT)(DT)(DT)(DG)(DC)(DT)(DA)(DC)
(DG)(DT)(DG)(DA)(DA)(DC)
;
K9
122 'polydeoxyribonucleotide'
;(DA)(DC)(DG)(DT)(DG)(DC)(DT)(DC)(DT)(DA)(DG)(DG)(DG)(DC)(DA)(DA)(DT)(DC)(DA)(DT)
(DA)(DA)(DA)(DA)(DC)(DA)(DG)(DG)(DT)(DT)(DC)(DA)(DG)(DA)(DA)(DT)(DT)(DT)(DA)(DC)
(DC)(DC)(DT)(DG)(DA)(DC)(DT)(DA)(DT)(DT)(DA)
;
KA
123 'polydeoxyribonucleotide'
;(DA)(DT)(DA)(DA)(DA)(DA)(DG)(DG)(DT)(DT)(DT)(DG)(DA)(DG)(DG)(DC)(DG)(DG)(DG)(DA)
(DC)(DA)(DT)(DT)
;
KC
124 'polydeoxyribonucleotide'
;(DC)(DA)(DA)(DC)(DT)(DG)(DC)(DT)(DT)(DT)(DA)(DA)(DA)(DC)(DA)(DG)(DA)(DA)(DG)(DA)
(DT)(DT)(DG)
;
KD
125 'polydeoxyribonucleotide'
;(DT)(DG)(DA)(DA)(DC)(DG)(DG)(DA)(DA)(DG)(DA)(DG)(DC)(DA)(DA)(DA)(DT)(DA)(DT)(DC)
(DA)(DT)(DT)(DT)(DG)(DC)(DA)(DC)(DG)(DT)(DT)(DA)(DG)(DA)(DA)(DC)(DC)(DT)(DA)(DC)
(DC)(DA)(DT)(DA)(DG)(DT)(DT)(DG)(DG)(DG)(DA)(DA)(DG)(DG)(DG)(DC)
;
L1
126 'polydeoxyribonucleotide'
;(DC)(DA)(DA)(DC)(DT)(DT)(DT)(DA)(DA)(DA)(DT)(DG)(DG)(DT)(DC)(DA)(DT)(DT)(DT)(DG)
(DA)(DC)(DC)(DC)(DC)(DA)(DT)(DT)(DA)(DA)(DC)(DG)(DA)(DA)(DC)(DC)(DA)(DC)(DC)(DA)
(DG)(DC)(DA)(DG)(DA)(DA)(DG)(DA)(DT)(DA)(DA)(DA)(DA)(DC)(DA)(DG)
;
L2
127 'polydeoxyribonucleotide' (DC)(DC)(DA)(DG)(DC)(DT)(DT)(DA)(DT)(DT)(DC)(DA)(DT)(DT)(DG)(DA)(DC)(DT)(DC) L3
128 'polydeoxyribonucleotide'
;(DG)(DT)(DC)(DG)(DT)(DC)(DT)(DT)(DT)(DG)(DC)(DA)(DT)(DC)(DA)(DG)(DA)(DC)(DA)(DC)
(DC)(DA)(DG)
;
L5
129 'polydeoxyribonucleotide'
;(DT)(DG)(DT)(DT)(DT)(DT)(DA)(DA)(DA)(DT)(DA)(DT)(DA)(DA)(DT)(DT)(DC)(DT)(DG)(DC)
(DG)(DA)(DA)(DC)
;
L6
130 'polydeoxyribonucleotide'
;(DG)(DA)(DT)(DT)(DA)(DG)(DA)(DA)(DA)(DG)(DT)(DA)(DT)(DT)(DA)(DA)(DT)(DT)(DA)(DT)
(DC)(DC)(DA)(DT)(DC)(DA)(DA)(DT)(DC)(DG)(DT)(DC)(DA)(DG)(DA)(DG)(DA)(DG)(DA)(DA)
(DA)(DC)(DA)(DA)(DT)(DT)(DA)(DA)(DT)(DT)(DT)(DA)(DA)(DT)(DG)(DG)(DA)(DA)(DA)(DC)
;
L7
131 'polydeoxyribonucleotide'
;(DT)(DC)(DC)(DA)(DA)(DG)(DA)(DT)(DT)(DA)(DA)(DG)(DC)(DA)(DA)(DA)(DA)(DA)(DC)(DG)
(DG)(DG)(DT)(DA)
;
L8
132 'polydeoxyribonucleotide' (DT)(DA)(DT)(DA)(DA)(DA)(DA)(DT)(DA)(DA)(DG)(DG)(DC)(DG)(DA)(DC)(DA)(DT)(DT) L9
133 'polydeoxyribonucleotide'
;(DT)(DG)(DG)(DT)(DT)(DG)(DC)(DT)(DT)(DT)(DC)(DG)(DG)(DT)(DC)(DA)(DC)(DC)(DG)(DT)
(DT)(DA)
;
LA
134 'polydeoxyribonucleotide' (DC)(DA)(DC)(DC)(DA)(DG)(DT)(DG)(DA)(DA)(DA)(DG)(DC)(DG)(DG)(DT)(DC)(DC) LC
135 'polydeoxyribonucleotide' (DT)(DG)(DG)(DT)(DT)(DT)(DA)(DC)(DC)(DA)(DA)(DT)(DC)(DA)(DT)(DA)(DA)(DT) LD
136 'polydeoxyribonucleotide'
;(DC)(DT)(DT)(DA)(DT)(DG)(DC)(DG)(DA)(DT)(DT)(DT)(DT)(DA)(DA)(DG)(DG)(DG)(DC)(DA)
(DT)
;
M2
137 'polydeoxyribonucleotide'
;(DA)(DA)(DA)(DA)(DG)(DA)(DA)(DC)(DA)(DA)(DA)(DA)(DG)(DA)(DA)(DT)(DG)(DA)(DA)(DA)
(DT)(DT)(DA)(DC)(DC)(DG)(DT)(DT)(DC)(DC)(DA)(DC)(DA)(DG)(DA)
;
M3
138 'polydeoxyribonucleotide'
;(DC)(DC)(DA)(DC)(DA)(DG)(DA)(DA)(DT)(DT)(DT)(DT)(DC)(DA)(DT)(DG)(DA)(DT)(DA)(DT)
(DA)(DA)(DG)(DT)(DA)(DT)(DA)(DG)(DT)(DC)(DT)(DG)(DA)(DA)(DA)(DC)(DC)(DT)(DT)(DT)
(DA)(DA)
;
M5
139 'polydeoxyribonucleotide'
;(DC)(DC)(DA)(DG)(DC)(DT)(DA)(DA)(DT)(DC)(DA)(DA)(DG)(DA)(DT)(DA)(DC)(DC)(DG)(DC)
(DG)(DC)(DC)(DC)(DA)
;
M6
140 'polydeoxyribonucleotide'
;(DT)(DC)(DA)(DA)(DT)(DC)(DA)(DC)(DC)(DT)(DC)(DA)(DG)(DC)(DA)(DG)(DC)(DA)(DA)(DA)
(DT)(DG)(DA)(DA)(DA)(DA)
;
M7
141 'polydeoxyribonucleotide'
;(DA)(DA)(DA)(DA)(DC)(DA)(DT)(DT)(DA)(DT)(DG)(DA)(DC)(DC)(DC)(DT)(DG)(DT)(DA)(DA)
(DT)(DA)(DC)(DT)(DT)(DT)
;
M8
142 'polydeoxyribonucleotide'
;(DG)(DA)(DT)(DA)(DG)(DC)(DA)(DA)(DA)(DT)(DA)(DT)(DT)(DT)(DA)(DA)(DT)(DC)(DA)(DA)
(DG)(DT)(DT)
;
M9
143 'polydeoxyribonucleotide'
;(DT)(DA)(DA)(DT)(DG)(DC)(DG)(DC)(DC)(DG)(DC)(DT)(DA)(DC)(DA)(DG)(DC)(DC)(DA)(DC)
(DA)(DC)(DC)(DA)(DA)(DG)(DC)(DC)(DT)(DG)(DA)(DC)(DA)(DC)(DC)(DG)(DG)(DA)(DG)(DC)
(DG)(DC)(DC)(DA)
;
MA
144 'polydeoxyribonucleotide'
;(DG)(DA)(DC)(DG)(DG)(DG)(DC)(DG)(DG)(DG)(DT)(DG)(DG)(DT)(DT)(DT)(DT)(DT)(DC)(DT)
(DT)(DT)(DT)
;
MC
145 'polydeoxyribonucleotide'
;(DA)(DA)(DT)(DC)(DA)(DA)(DA)(DA)(DA)(DT)(DT)(DC)(DG)(DC)(DG)(DT)(DT)(DA)(DA)(DA)
(DT)(DC)(DA)(DG)(DC)(DT)(DC)(DA)(DT)(DT)(DA)(DC)(DG)(DT)(DT)(DA)(DA)(DG)(DC)(DC)
(DC)(DC)(DA)(DA)(DT)(DG)(DT)(DA)(DC)(DC)(DC)(DA)(DG)(DA)(DG)(DA)(DA)(DT)
;
MD
146 'polydeoxyribonucleotide'
;(DC)(DA)(DG)(DT)(DC)(DA)(DG)(DG)(DA)(DA)(DT)(DT)(DA)(DG)(DC)(DA)(DA)(DT)(DA)(DA)
(DA)(DG)(DC)(DC)
;
N2
147 'polydeoxyribonucleotide'
;(DA)(DG)(DA)(DG)(DG)(DC)(DG)(DA)(DA)(DC)(DA)(DG)(DC)(DT)(DT)(DT)(DC)(DC)(DG)(DG)
(DC)(DA)(DC)(DC)(DG)(DC)(DT)(DT)(DC)(DC)(DA)(DT)(DT)(DC)(DA)
;
N3
148 'polydeoxyribonucleotide'
;(DG)(DA)(DG)(DT)(DT)(DT)(DC)(DG)(DT)(DC)(DA)(DC)(DG)(DG)(DA)(DA)(DC)(DA)(DA)(DC)
(DT)(DA)(DA)(DA)(DG)(DG)(DA)(DA)(DT)(DT)(DG)
;
N5
149 'polydeoxyribonucleotide'
;(DT)(DG)(DC)(DT)(DT)(DT)(DC)(DA)(DT)(DT)(DC)(DC)(DA)(DT)(DA)(DT)(DA)(DA)(DC)(DA)
(DG)(DT)(DT)(DG)(DT)(DG)(DA)(DA)(DT)(DA)(DT)(DC)(DA)(DA)(DC)(DG)(DT)(DT)(DC)(DA)
(DT)(DC)(DA)(DA)(DA)(DC)(DC)(DA)(DG)(DG)(DC)
;
N6
150 'polydeoxyribonucleotide'
;(DT)(DA)(DG)(DA)(DG)(DG)(DA)(DT)(DC)(DC)(DC)(DC)(DG)(DG)(DG)(DT)(DA)(DC)(DC)(DG)
(DA)(DG)(DC)
;
N7
151 'polydeoxyribonucleotide'
;(DA)(DG)(DA)(DA)(DC)(DC)(DC)(DT)(DC)(DA)(DG)(DA)(DT)(DT)(DG)(DC)(DC)(DT)(DG)(DG)
(DC)
;
N8
152 'polydeoxyribonucleotide'
;(DT)(DG)(DG)(DG)(DT)(DT)(DA)(DA)(DT)(DT)(DT)(DG)(DT)(DA)(DA)(DA)(DT)(DG)(DC)(DT)
(DT)(DA)(DG)(DG)(DC)(DG)(DC)(DT)(DG)(DA)(DG)(DA)(DA)(DC)(DA)(DT)(DA)(DG)(DA)(DT)
(DG)(DT)(DG)(DA)(DG)(DT)(DG)(DA)(DA)(DT)(DA)(DA)
;
N9
153 'polydeoxyribonucleotide' (DA)(DC)(DG)(DT)(DC)(DA)(DA)(DA)(DG)(DG)(DG)(DC)(DG)(DA)(DA)(DA)(DG)(DG)(DA) NA
154 'polydeoxyribonucleotide'
;(DC)(DC)(DT)(DG)(DA)(DG)(DA)(DG)(DA)(DG)(DA)(DT)(DT)(DA)(DT)(DT)(DT)(DT)(DT)(DT)
(DG)(DA)(DC)(DG)(DC)(DG)(DC)(DC)(DA)(DG)(DC)(DC)(DT)(DG)(DG)(DT)(DA)(DA)
;
NC
155 'polydeoxyribonucleotide' (DT)(DA)(DG)(DT)(DC)(DA)(DG)(DA)(DA)(DG)(DT)(DT)(DG)(DG)(DA)(DA)(DT)(DA)(DA)(DG) ND
156 'polydeoxyribonucleotide'
;(DT)(DC)(DA)(DT)(DC)(DA)(DA)(DC)(DT)(DG)(DG)(DC)(DT)(DC)(DA)(DA)(DC)(DG)(DG)(DA)
(DA)(DT)(DC)(DA)(DT)(DG)(DA)(DG)(DG)(DC)(DC)(DA)(DC)(DT)(DA)(DA)(DA)(DC)(DG)(DG)
(DA)(DG)(DT)(DA)(DG)(DC)(DA)(DC)(DC)(DC)(DA)(DC)(DC)(DG)(DA)(DC)(DC)(DA)(DG)(DT)
;
O2
157 'polydeoxyribonucleotide'
;(DG)(DA)(DA)(DT)(DA)(DC)(DC)(DA)(DA)(DG)(DA)(DG)(DA)(DA)(DA)(DT)(DA)(DG)(DG)(DT)
(DA)(DA)(DT)(DT)
;
O3
158 'polydeoxyribonucleotide'
;(DG)(DG)(DG)(DT)(DA)(DA)(DA)(DA)(DT)(DC)(DA)(DT)(DA)(DA)(DC)(DC)(DC)(DA)(DT)(DA)
(DA)(DC)(DG)(DA)(DA)(DT)(DA)(DG)(DA)(DT)(DA)(DC)(DC)(DA)(DA)(DT)(DC)(DA)(DA)(DT)
(DA)(DA)(DT)(DC)(DG)(DG)(DC)(DT)(DG)
;
O5
159 'polydeoxyribonucleotide'
;(DT)(DT)(DT)(DA)(DG)(DC)(DG)(DC)(DC)(DG)(DG)(DT)(DA)(DT)(DT)(DC)(DT)(DA)(DA)(DG)
(DA)(DA)(DC)
;
O6
160 'polydeoxyribonucleotide'
;(DG)(DC)(DA)(DG)(DG)(DA)(DA)(DG)(DT)(DA)(DC)(DG)(DG)(DC)(DT)(DG)(DA)(DA)(DT)(DC)
(DC)(DT)(DT)(DT)(DT)(DG)(DA)(DA)(DC)(DC)(DC)(DA)(DC)(DA)(DA)(DG)(DA)(DA)(DA)(DC)
(DA)(DG)(DG)(DT)(DC)(DA)(DG)(DG)(DA)(DT)(DT)(DA)
;
O7
161 'polydeoxyribonucleotide'
;(DA)(DA)(DA)(DT)(DT)(DG)(DT)(DA)(DG)(DA)(DA)(DA)(DA)(DG)(DT)(DC)(DC)(DT)(DA)(DC)
(DA)(DT)(DG)(DT)(DT)(DC)(DC)(DG)(DA)(DC)(DA)(DA)(DA)(DC)(DA)(DG)(DT)(DC)(DA)(DA)
(DA)(DT)(DC)(DA)(DA)(DT)(DT)(DT)(DT)(DC)(DG)(DA)(DG)(DC)(DC)(DA)(DG)(DT)
;
O8
162 'polydeoxyribonucleotide' (DG)(DA)(DC)(DC)(DT)(DA)(DA)(DA)(DT)(DA)(DA)(DC)(DC)(DC)(DT)(DA)(DA)(DA) O9
163 'polydeoxyribonucleotide' (DA)(DG)(DC)(DG)(DA)(DA)(DA)(DA)(DA)(DC)(DC)(DG)(DT)(DC)(DT)(DA)(DT)(DC)(DA) OA
164 'polydeoxyribonucleotide'
;(DT)(DC)(DA)(DC)(DA)(DC)(DG)(DC)(DC)(DG)(DC)(DC)(DC)(DT)(DT)(DC)(DA)(DA)(DC)(DC)
(DA)(DG)(DT)(DA)
;
OC
165 'polydeoxyribonucleotide'
;(DC)(DA)(DA)(DT)(DA)(DG)(DA)(DA)(DA)(DA)(DG)(DA)(DA)(DA)(DA)(DC)(DA)(DT)(DA)(DC)
(DA)(DG)(DA)(DA)(DT)(DA)(DC)(DC)(DG)(DA)(DT)(DG)(DA)(DT)(DG)(DA)(DA)(DA)(DC)(DA)
(DA)(DA)(DT)(DC)(DA)(DA)(DT)(DA)(DT)(DC)(DG)(DA)(DT)(DA)(DG)(DC)(DT)(DT)
;
OD
166 'polydeoxyribonucleotide'
;(DT)(DG)(DT)(DA)(DG)(DC)(DG)(DC)(DG)(DT)(DT)(DT)(DT)(DT)(DT)(DC)(DG)(DG)(DT)(DC)
(DA)(DT)(DA)(DG)(DC)(DC)(DC)(DC)(DC)(DT)(DT)
;
P2
167 'polydeoxyribonucleotide'
;(DA)(DC)(DG)(DG)(DA)(DT)(DT)(DC)(DG)(DC)(DA)(DT)(DT)(DT)(DT)(DC)(DA)(DA)(DC)(DA)
(DC)(DC)(DC)(DT)(DA)(DA)(DT)(DA)(DG)(DC)(DA)(DC)(DC)(DT)(DC)(DA)(DG)(DA)
;
P3
168 'polydeoxyribonucleotide' (DC)(DC)(DG)(DC)(DC)(DA)(DG)(DA)(DG)(DG)(DT)(DT)(DT)(DA)(DG)(DT)(DA)(DC) P5
169 'polydeoxyribonucleotide' (DG)(DC)(DG)(DA)(DG)(DG)(DC)(DG)(DT)(DC)(DA)(DG)(DA)(DG)(DC)(DC)(DT)(DA) P6
170 'polydeoxyribonucleotide' (DA)(DT)(DC)(DT)(DA)(DA)(DA)(DG)(DC)(DA)(DT)(DA)(DG)(DA)(DT)(DA)(DA)(DT) P7
171 'polydeoxyribonucleotide'
;(DT)(DC)(DT)(DT)(DT)(DC)(DC)(DT)(DC)(DA)(DA)(DC)(DT)(DT)(DA)(DT)(DT)(DT)(DT)(DA)
(DT)(DC)(DA)(DT)
;
P8
172 'polydeoxyribonucleotide'
;(DT)(DT)(DA)(DA)(DA)(DT)(DT)(DT)(DT)(DT)(DG)(DT)(DC)(DT)(DG)(DG)(DC)(DC)(DT)(DT)
(DC)(DC)(DT)(DG)
;
P9
173 'polydeoxyribonucleotide'
;(DA)(DA)(DG)(DG)(DA)(DA)(DG)(DA)(DC)(DC)(DC)(DA)(DA)(DA)(DA)(DT)(DT)(DG)(DT)(DA)
(DA)(DT)(DT)(DT)(DT)(DA)(DA)(DC)(DC)(DA)(DA)(DT)(DA)(DA)(DC)(DG)(DC)(DG)
;
PA
174 'polydeoxyribonucleotide'
;(DA)(DC)(DG)(DC)(DT)(DG)(DG)(DC)(DT)(DG)(DA)(DA)(DA)(DT)(DG)(DG)(DT)(DT)(DG)(DC)
(DA)(DG)(DC)
;
PC
175 'polydeoxyribonucleotide'
;(DC)(DA)(DA)(DA)(DG)(DC)(DT)(DG)(DA)(DC)(DC)(DA)(DA)(DT)(DT)(DA)(DG)(DC)(DC)(DG)
(DG)(DA)(DA)
;
PD
176 'polydeoxyribonucleotide' (DA)(DA)(DA)(DA)(DA)(DT)(DC)(DT)(DA)(DC)(DG)(DT)(DT)(DA)(DA)(DT)(DA)(DA)(DA) Q2
177 'polydeoxyribonucleotide'
;(DG)(DT)(DA)(DC)(DC)(DT)(DT)(DT)(DT)(DA)(DC)(DA)(DT)(DC)(DG)(DG)(DT)(DG)(DA)(DA)
(DT)(DA)(DT)
;
Q3
178 'polydeoxyribonucleotide'
;(DA)(DA)(DC)(DC)(DG)(DC)(DC)(DC)(DG)(DA)(DT)(DC)(DT)(DA)(DG)(DA)(DA)(DT)(DT)(DT)
(DT)(DC)(DT)(DG)(DT)(DA)(DT)(DG)(DG)(DG)(DT)(DT)(DT)(DA)(DT)(DT)(DC)(DG)(DG)(DA)
(DA)(DC)
;
Q5
179 'polydeoxyribonucleotide'
;(DT)(DC)(DG)(DA)(DA)(DT)(DT)(DC)(DG)(DT)(DA)(DA)(DT)(DC)(DA)(DT)(DG)(DG)(DC)(DC)
(DG)(DA)(DA)
;
Q7
180 'polydeoxyribonucleotide'
;(DG)(DC)(DA)(DA)(DT)(DG)(DC)(DC)(DC)(DA)(DT)(DC)(DA)(DT)(DA)(DT)(DC)(DC)(DT)(DG)
(DA)(DG)(DT)(DA)
;
Q8
181 'polydeoxyribonucleotide'
;(DA)(DG)(DA)(DA)(DA)(DA)(DC)(DT)(DT)(DT)(DT)(DA)(DA)(DT)(DC)(DG)(DC)(DA)(DA)(DG)
(DA)(DC)(DT)(DA)(DC)(DA)(DA)(DT)(DT)(DT)(DA)(DT)(DT)(DT)(DT)(DT)(DC)(DC)(DC)
;
Q9
182 'polydeoxyribonucleotide'
;(DC)(DG)(DA)(DA)(DC)(DG)(DT)(DA)(DG)(DT)(DG)(DT)(DA)(DG)(DG)(DA)(DC)(DG)(DA)(DG)
(DC)(DA)(DC)(DG)(DT)(DA)(DT)(DA)
;
QA
183 'polydeoxyribonucleotide'
;(DC)(DT)(DC)(DA)(DT)(DG)(DG)(DA)(DA)(DA)(DT)(DA)(DA)(DC)(DG)(DA)(DG)(DC)(DA)(DT)
(DT)(DT)(DT)
;
QC
184 'polydeoxyribonucleotide'
;(DA)(DC)(DA)(DC)(DC)(DA)(DC)(DT)(DA)(DT)(DT)(DT)(DT)(DG)(DC)(DA)(DA)(DA)(DT)(DC)
(DC)(DT)(DC)(DA)(DA)(DA)(DT)(DA)(DT)(DA)(DT)
;
QD
185 'polydeoxyribonucleotide'
;(DT)(DT)(DA)(DG)(DG)(DA)(DA)(DG)(DA)(DA)(DG)(DC)(DC)(DT)(DG)(DC)(DA)(DA)(DG)(DG)
(DA)(DT)(DA)(DA)
;
R2
186 'polydeoxyribonucleotide' (DG)(DG)(DC)(DA)(DA)(DA)(DG)(DC)(DG)(DT)(DC)(DT)(DT)(DC)(DG)(DC)(DT)(DA) R3
187 'polydeoxyribonucleotide'
;(DC)(DA)(DA)(DG)(DC)(DC)(DC)(DA)(DC)(DG)(DC)(DC)(DT)(DG)(DT)(DC)(DA)(DG)(DC)(DG)
(DG)(DA)(DG)(DT)(DG)(DA)(DG)(DA)(DA)(DT)(DC)(DT)(DC)(DC)(DA)(DA)(DG)(DA)(DC)(DT)
(DC)(DC)
;
R5
188 'polydeoxyribonucleotide'
;(DA)(DG)(DG)(DT)(DG)(DA)(DG)(DG)(DC)(DG)(DT)(DT)(DG)(DG)(DC)(DA)(DA)(DA)(DT)(DC)
(DA)(DA)(DC)(DA)(DG)(DT)(DT)(DG)(DG)(DC)(DC)(DT)
;
R7
189 'polydeoxyribonucleotide'
;(DA)(DA)(DA)(DA)(DA)(DT)(DA)(DC)(DT)(DA)(DA)(DT)(DT)(DT)(DC)(DC)(DT)(DA)(DC)(DA)
(DT)(DA)(DC)(DA)(DT)(DT)(DG)(DG)(DC)(DA)(DG)(DA)(DT)(DT)(DC)(DA)(DC)(DC)(DA)(DG)
;
R8
190 'polydeoxyribonucleotide'
;(DT)(DT)(DT)(DA)(DT)(DT)(DT)(DG)(DA)(DA)(DA)(DA)(DG)(DA)(DA)(DT)(DA)(DA)(DT)(DT)
(DT)(DA)(DG)(DT)(DA)(DA)(DA)(DG)(DC)(DC)(DA)(DA)(DA)(DT)(DA)(DT)(DT)(DT)(DA)(DA)
(DC)(DA)(DA)(DC)(DG)(DC)
;
R9
191 'polydeoxyribonucleotide'
;(DG)(DG)(DG)(DA)(DG)(DC)(DC)(DC)(DC)(DC)(DG)(DA)(DT)(DT)(DT)(DA)(DA)(DA)(DA)(DT)
(DC)(DG)(DG)(DT)(DT)(DA)(DA)
;
RA
192 'polydeoxyribonucleotide'
;(DC)(DA)(DG)(DC)(DA)(DG)(DG)(DC)(DA)(DA)(DT)(DA)(DT)(DT)(DA)(DC)(DC)(DT)(DC)(DA)
(DA)(DT)(DC)(DG)(DT)(DT)(DT)(DT)(DG)(DC)(DC)(DC)
;
RC
193 'polydeoxyribonucleotide' (DC)(DA)(DA)(DC)(DA)(DT)(DA)(DT)(DA)(DA)(DA)(DA)(DT)(DT)(DC)(DA)(DT)(DA) RD
194 'polydeoxyribonucleotide'
;(DT)(DC)(DA)(DG)(DG)(DA)(DA)(DT)(DT)(DA)(DC)(DG)(DA)(DG)(DG)(DC)(DA)(DG)(DA)(DA)
(DT)(DC)(DA)(DA)(DG)(DT)(DT)(DT)(DG)(DC)
;
S2
195 'polydeoxyribonucleotide'
;(DG)(DG)(DC)(DT)(DG)(DC)(DG)(DC)(DA)(DA)(DC)(DT)(DT)(DC)(DA)(DA)(DA)(DA)(DT)(DT)
(DA)(DG)(DA)(DG)(DA)(DG)(DA)(DT)
;
S3
196 'polydeoxyribonucleotide'
;(DA)(DA)(DA)(DG)(DT)(DA)(DC)(DC)(DG)(DA)(DA)(DG)(DG)(DC)(DA)(DC)(DC)(DA)(DA)(DC)
(DC)(DG)(DA)(DC)(DT)(DA)(DA)(DA)(DG)(DT)(DT)(DA)
;
S5
197 'polydeoxyribonucleotide'
;(DA)(DC)(DA)(DC)(DC)(DG)(DC)(DC)(DT)(DG)(DC)(DC)(DC)(DT)(DC)(DA)(DA)(DA)(DT)(DC)
(DC)(DT)(DG)(DA)
;
S7
198 'polydeoxyribonucleotide'
;(DC)(DT)(DG)(DT)(DT)(DT)(DA)(DT)(DC)(DA)(DA)(DC)(DC)(DC)(DA)(DA)(DA)(DA)(DG)(DT)
(DT)(DG)(DA)(DG)(DA)(DT)(DA)(DC)(DG)(DA)(DA)(DC)(DT)(DA)(DT)(DT)(DA)(DT)(DA)(DC)
;
S8
199 'polydeoxyribonucleotide'
;(DA)(DA)(DG)(DA)(DG)(DG)(DA)(DA)(DC)(DG)(DC)(DC)(DA)(DT)(DC)(DA)(DT)(DG)(DA)(DG)
(DC)(DG)(DA)
;
S9
200 'polydeoxyribonucleotide'
;(DG)(DG)(DC)(DG)(DA)(DT)(DG)(DG)(DC)(DC)(DC)(DA)(DT)(DT)(DA)(DA)(DA)(DA)(DT)(DT)
(DC)(DG)(DC)(DA)
;
SA
201 'polydeoxyribonucleotide' (DC)(DA)(DT)(DT)(DG)(DC)(DA)(DA)(DC)(DA)(DG)(DG)(DA)(DA)(DA)(DA)(DA)(DC)(DG) SC
202 'polydeoxyribonucleotide'
;(DC)(DG)(DA)(DA)(DA)(DG)(DA)(DC)(DT)(DG)(DG)(DG)(DA)(DA)(DC)(DA)(DA)(DT)(DC)(DA)
(DA)(DC)(DA)(DT)(DT)(DA)
;
SD
203 'polydeoxyribonucleotide'
;(DC)(DT)(DT)(DT)(DA)(DG)(DC)(DA)(DG)(DG)(DT)(DA)(DA)(DT)(DT)(DA)(DC)(DG)(DT)(DC)
(DA)(DG)(DA)(DC)
;
T2
204 'polydeoxyribonucleotide'
;(DG)(DC)(DG)(DG)(DG)(DC)(DC)(DC)(DC)(DA)(DT)(DT)(DC)(DG)(DC)(DT)(DG)(DG)(DT)(DG)
(DC)(DC)(DG)(DG)(DC)(DC)(DT)(DC)(DC)(DA)(DG)(DT)(DT)(DT)(DG)(DT)(DA)(DG)(DG)(DT)
(DC)(DA)(DC)(DG)(DT)
;
T3
205 'polydeoxyribonucleotide'
;(DC)(DG)(DC)(DC)(DA)(DC)(DT)(DC)(DA)(DA)(DA)(DA)(DA)(DC)(DA)(DC)(DC)(DC)(DT)(DC)
(DA)(DG)(DA)(DA)
;
T5
206 'polydeoxyribonucleotide'
;(DC)(DG)(DC)(DT)(DG)(DA)(DG)(DA)(DG)(DC)(DT)(DG)(DC)(DT)(DG)(DA)(DA)(DA)(DA)(DC)
(DG)(DA)(DG)(DC)(DA)(DT)(DA)(DA)(DA)(DC)(DA)(DC)(DA)(DG)(DA)(DG)(DA)(DG)(DG)(DG)
(DA)(DG)(DA)(DA)(DT)(DT)(DT)(DA)(DA)(DG)(DA)(DA)(DA)(DG)(DG)(DA)
;
T7
207 'polydeoxyribonucleotide'
;(DA)(DT)(DG)(DT)(DG)(DT)(DA)(DC)(DA)(DG)(DA)(DC)(DC)(DT)(DG)(DT)(DC)(DG)(DG)(DT)
(DA)(DA)(DA)(DG)
;
T8
208 'polydeoxyribonucleotide' (DA)(DT)(DA)(DA)(DC)(DT)(DA)(DT)(DA)(DT)(DC)(DA)(DT)(DC)(DT)(DT)(DC)(DT) T9
209 'polydeoxyribonucleotide'
;(DC)(DA)(DT)(DC)(DG)(DG)(DA)(DA)(DG)(DA)(DA)(DG)(DC)(DG)(DG)(DG)(DC)(DG)(DT)(DT)
(DC)(DC)(DT)(DC)(DG)(DA)(DG)(DC)(DG)(DG)(DG)(DA)(DG)(DC)(DT)(DA)(DA)(DA)(DC)(DT)
(DC)(DA)
;
TA
210 'polydeoxyribonucleotide'
;(DA)(DC)(DT)(DC)(DA)(DA)(DA)(DC)(DT)(DA)(DT)(DC)(DA)(DT)(DA)(DA)(DA)(DC)(DA)(DG)
(DA)(DA)(DC)(DA)(DA)(DG)
;
TC
211 'polydeoxyribonucleotide'
;(DT)(DT)(DA)(DA)(DT)(DT)(DT)(DA)(DC)(DG)(DC)(DA)(DG)(DT)(DA)(DT)(DG)(DT)(DT)(DA)
(DG)(DT)(DG)(DA)(DT)(DT)(DA)(DA)(DT)(DC)(DA)(DA)(DT)(DT)(DA)(DA)(DT)(DC)(DG)(DC)
(DG)(DC)
;
TD
212 'polydeoxyribonucleotide'
;(DC)(DT)(DA)(DA)(DT)(DG)(DC)(DA)(DG)(DA)(DT)(DA)(DC)(DT)(DC)(DG)(DT)(DT)(DT)(DA)
(DC)(DC)(DA)(DG)
;
U2
213 'polydeoxyribonucleotide'
;(DG)(DA)(DT)(DC)(DG)(DG)(DT)(DA)(DA)(DG)(DG)(DG)(DG)(DG)(DT)(DG)(DT)(DA)(DG)(DC)
(DT)(DC)(DA)(DA)(DC)(DA)
;
U3
214 'polydeoxyribonucleotide'
;(DA)(DT)(DC)(DA)(DC)(DC)(DG)(DG)(DC)(DC)(DT)(DA)(DT)(DT)(DC)(DA)(DG)(DC)(DT)(DT)
(DG)(DC)(DT)(DT)(DT)(DC)(DG)(DA)(DA)(DG)(DT)(DA)(DA)(DA)(DT)(DA)(DA)(DG)(DT)(DT)
(DT)(DT)
;
U5
215 'polydeoxyribonucleotide'
;(DA)(DA)(DA)(DT)(DA)(DT)(DC)(DA)(DT)(DA)(DG)(DC)(DT)(DG)(DT)(DT)(DT)(DC)(DC)(DT)
(DG)(DT)(DG)
;
U7
216 'polydeoxyribonucleotide'
;(DT)(DA)(DA)(DA)(DG)(DT)(DA)(DA)(DT)(DT)(DG)(DA)(DC)(DG)(DA)(DC)(DA)(DG)(DG)(DC)
(DC)(DT)(DT)(DG)
;
U8
217 'polydeoxyribonucleotide'
;(DT)(DA)(DG)(DC)(DC)(DA)(DG)(DC)(DT)(DT)(DT)(DC)(DA)(DA)(DC)(DG)(DG)(DC)(DG)(DG)
(DA)(DT)(DT)(DG)
;
U9
218 'polydeoxyribonucleotide' (DT)(DT)(DT)(DT)(DG)(DG)(DG)(DG)(DT)(DC)(DG)(DA)(DG)(DG)(DC)(DG)(DT)(DG)(DT) UA
219 'polydeoxyribonucleotide'
;(DC)(DC)(DT)(DG)(DT)(DT)(DT)(DT)(DG)(DA)(DT)(DT)(DA)(DG)(DT)(DA)(DT)(DA)(DT)(DC)
(DC)(DA)(DG)(DA)(DA)(DC)(DG)(DA)(DA)(DA)(DA)(DT)
;
UC
220 'polydeoxyribonucleotide'
;(DC)(DT)(DT)(DA)(DT)(DC)(DG)(DA)(DG)(DC)(DT)(DT)(DC)(DA)(DA)(DA)(DT)(DC)(DG)(DC)
(DA)(DC)(DT)
;
UD
221 'polydeoxyribonucleotide'
;(DC)(DT)(DA)(DT)(DA)(DC)(DG)(DT)(DA)(DA)(DT)(DG)(DA)(DA)(DG)(DT)(DT)(DT)(DC)(DC)
(DA)(DT)(DT)(DA)(DA)(DA)(DC)
;
V2
222 'polydeoxyribonucleotide'
;(DA)(DT)(DA)(DA)(DA)(DT)(DT)(DT)(DT)(DG)(DC)(DG)(DA)(DA)(DA)(DC)(DG)(DA)(DT)(DT)
(DG)(DA)(DT)(DG)(DG)
;
V3
223 'polydeoxyribonucleotide'
;(DC)(DC)(DG)(DT)(DC)(DG)(DG)(DA)(DG)(DG)(DC)(DT)(DG)(DA)(DA)(DA)(DA)(DA)(DA)(DA)
(DG)(DG)(DC)(DT)(DC)(DC)(DA)(DA)(DA)(DC)(DA)(DG)(DT)(DT)(DT)(DA)(DG)(DC)(DA)(DT)
(DT)
;
V5
224 'polydeoxyribonucleotide' (DC)(DC)(DT)(DA)(DA)(DA)(DA)(DC)(DA)(DT)(DC)(DG)(DA)(DT)(DT)(DA)(DG)(DA) V7
225 'polydeoxyribonucleotide'
;(DA)(DA)(DT)(DA)(DA)(DG)(DA)(DG)(DA)(DA)(DT)(DA)(DT)(DA)(DG)(DC)(DG)(DA)(DG)(DA)
(DC)(DA)
;
V8
226 'polydeoxyribonucleotide'
;(DA)(DA)(DT)(DG)(DA)(DA)(DA)(DA)(DT)(DA)(DA)(DT)(DC)(DA)(DG)(DG)(DT)(DC)(DA)(DA)
(DC)(DG)(DA)(DG)(DA)(DA)(DT)(DG)(DA)(DC)(DC)(DA)(DT)(DA)
;
V9
227 'polydeoxyribonucleotide'
;(DC)(DA)(DC)(DT)(DG)(DA)(DG)(DC)(DT)(DT)(DG)(DG)(DT)(DA)(DA)(DC)(DC)(DA)(DG)(DG)
(DC)(DG)(DC)(DG)(DT)(DA)(DC)(DT)(DA)
;
VA
228 'polydeoxyribonucleotide'
;(DA)(DT)(DA)(DA)(DC)(DA)(DT)(DT)(DG)(DT)(DA)(DG)(DC)(DA)(DA)(DA)(DT)(DC)(DC)(DC)
(DT)(DA)(DA)(DG)(DA)(DA)(DT)(DA)(DG)(DC)(DC)(DC)(DG)(DA)(DG)(DA)(DT)(DA)(DG)(DG)
;
VC
229 'polydeoxyribonucleotide'
;(DA)(DA)(DC)(DC)(DG)(DA)(DG)(DG)(DA)(DA)(DA)(DA)(DA)(DA)(DC)(DA)(DA)(DA)(DA)(DT)
(DA)
;
VD
230 'polydeoxyribonucleotide'
;(DA)(DT)(DA)(DA)(DT)(DC)(DC)(DT)(DG)(DA)(DT)(DT)(DG)(DT)(DA)(DC)(DC)(DA)(DG)(DA)
(DA)(DT)(DA)(DT)(DT)(DT)(DA)(DT)(DA)(DT)(DC)(DT)(DT)(DA)(DC)(DC)(DG)(DG)(DG)(DA)
(DG)(DG)(DA)(DA)(DT)(DC)(DA)(DG)(DA)
;
W3
231 'polydeoxyribonucleotide'
;(DG)(DG)(DG)(DG)(DT)(DT)(DT)(DT)(DG)(DC)(DT)(DC)(DA)(DG)(DT)(DA)(DA)(DA)(DG)(DG)
(DA)(DT)(DT)(DT)(DT)(DT)(DT)(DC)(DA)(DC)(DG)
;
W5
232 'polydeoxyribonucleotide'
;(DT)(DG)(DA)(DA)(DA)(DT)(DT)(DG)(DT)(DT)(DA)(DT)(DC)(DC)(DG)(DC)(DT)(DC)(DG)(DT)
(DC)(DT)(DT)
;
W7
233 'polydeoxyribonucleotide'
;(DA)(DT)(DT)(DC)(DA)(DA)(DA)(DA)(DG)(DG)(DG)(DT)(DA)(DG)(DC)(DT)(DG)(DA)(DT)(DA)
(DA)
;
W8
234 'polydeoxyribonucleotide' (DG)(DT)(DA)(DA)(DC)(DA)(DG)(DG)(DT)(DC)(DT)(DG)(DA)(DG)(DA)(DG)(DA)(DC)(DA) W9
235 'polydeoxyribonucleotide' (DG)(DA)(DA)(DC)(DA)(DA)(DA)(DG)(DT)(DA)(DA)(DC)(DA)(DA)(DT)(DT)(DT)(DC) WD
236 'polydeoxyribonucleotide'
;(DG)(DC)(DC)(DT)(DG)(DA)(DT)(DA)(DA)(DA)(DT)(DT)(DC)(DC)(DG)(DA)(DT)(DA)(DT)(DA)
(DT)
;
X5
237 'polydeoxyribonucleotide'
;(DT)(DA)(DT)(DT)(DA)(DA)(DC)(DA)(DA)(DT)(DT)(DC)(DC)(DA)(DC)(DA)(DC)(DA)(DA)(DC)
(DA)(DT)(DA)
;
X7
238 'polydeoxyribonucleotide'
;(DC)(DC)(DG)(DG)(DC)(DT)(DG)(DA)(DT)(DG)(DT)(DC)(DA)(DC)(DA)(DA)(DT)(DA)(DA)(DG)
(DA)(DC)(DA)(DA)(DG)(DG)(DT)(DA)(DA)(DA)(DT)(DT)(DC)(DA)(DC)(DC)(DG)(DT)(DA)(DT)
(DT)(DA)(DC)(DC)(DA)(DT)(DT)(DA)(DG)(DC)(DA)(DA)(DG)(DC)(DG)(DA)(DA)(DA)(DC)
;
X9
#